data_7OVO
#
_entry.id   7OVO
#
_cell.length_a   100.429
_cell.length_b   100.429
_cell.length_c   202.853
_cell.angle_alpha   90.000
_cell.angle_beta   90.000
_cell.angle_gamma   90.000
#
_symmetry.space_group_name_H-M   'P 43 2 2'
#
loop_
_entity.id
_entity.type
_entity.pdbx_description
1 polymer 'Queuine tRNA-ribosyltransferase accessory subunit 2'
2 polymer 'Queuine tRNA-ribosyltransferase catalytic subunit 1'
3 non-polymer 'ZINC ION'
4 non-polymer 'SULFATE ION'
5 non-polymer 'DIMETHYL SULFOXIDE'
6 non-polymer 2-amino-5-({[(1S,4S,5R)-4,5-dihydroxycyclopent-2-en-1-yl]amino}methyl)-3,7-dihydro-4H-pyrrolo[2,3-d]pyrimidin-4-one
7 water water
#
loop_
_entity_poly.entity_id
_entity_poly.type
_entity_poly.pdbx_seq_one_letter_code
_entity_poly.pdbx_strand_id
1 'polypeptide(L)'
;GPKLSLIKVVNGCRLGKIQNLGKAGDCTVDIPGCLLYTRTGSAPHLTHQTLRNIHGVPGIAQLTLSSLAEHHEVLAEYKK
GVGSFIGMPESLFYCSLHDPVTPGPAGYVTSKSVSVWGFGGRVEMTVSKFMAIQEALQPDWFQCLSDGEASCAETTSIKR
ARKSVDRSLLFLDSCLRLQEESEVLQKSVIIGVIEGGDVMEERLRSARETAKRPVGGFLLDGFQGDPAVTETRLHLLSSV
TAELPEDKPRLICGVSRPDEVLECIERGVDLFESFFPYQVTERGCALTFTFDCQLNPEETLLQQNGIQEKIKGLDQAKKI
EATGCNQEMTSFEINLKEKKYQEDFDPLVRGCSCYCCKNHTRAYIHHLLMTNELLAGVLLMMHNFEHYFGFFCSIREALK
NDTLAQLKELICRQMFDNN
;
A
2 'polypeptide(L)'
;GPESAPRIMRLVAECSRSGARAGELRLPHGTVATPVFMPVGTQATMKGITTEQLDSLGCRICLGNTYHLGLRPGPELIRK
AQGLHGFMNWPHNLLTDSGGFQMVSLFSLSEVTEEGVHFRSPYDGEETLLSPERSVEIQNALGSDIIMQLDHVVSSTVTG
PLVEEAMHRSVRWLDRCIAAHKHPDKQNLFAIIQGGLNADLRTTCLKEMTKRDVPGFAIGGLSGGESKAQFWKMVALSTS
MLPKDKPRYLMGVGYATDLVVCVALGCDMFDCVYPTRTARFGSALVPTGNLQLKKKQYAKDFSPINPECPCPTCQTHSRA
FLHALLHSDNTTALHHLTVHNIAYQLQLLSAVRSSILEQRFPDFVRNFMRTMYGDHSLCPAWAVEALASVGIMLT
;
C
#
loop_
_chem_comp.id
_chem_comp.type
_chem_comp.name
_chem_comp.formula
DMS non-polymer 'DIMETHYL SULFOXIDE' 'C2 H6 O S'
QEI non-polymer 2-amino-5-({[(1S,4S,5R)-4,5-dihydroxycyclopent-2-en-1-yl]amino}methyl)-3,7-dihydro-4H-pyrrolo[2,3-d]pyrimidin-4-one 'C12 H15 N5 O3'
SO4 non-polymer 'SULFATE ION' 'O4 S -2'
ZN non-polymer 'ZINC ION' 'Zn 2'
#
# COMPACT_ATOMS: atom_id res chain seq x y z
N LYS A 3 36.14 5.48 -3.52
CA LYS A 3 36.89 6.71 -3.79
C LYS A 3 36.09 7.93 -3.36
N LEU A 4 36.50 8.52 -2.24
CA LEU A 4 35.89 9.74 -1.70
C LEU A 4 36.70 10.93 -2.17
N SER A 5 36.11 11.77 -3.01
CA SER A 5 36.76 12.99 -3.48
C SER A 5 36.00 14.18 -2.92
N LEU A 6 36.72 15.04 -2.18
CA LEU A 6 36.15 16.23 -1.57
C LEU A 6 36.12 17.38 -2.58
N ILE A 7 35.42 18.45 -2.21
CA ILE A 7 35.30 19.64 -3.05
C ILE A 7 35.71 20.85 -2.24
N LYS A 8 35.39 20.84 -0.95
CA LYS A 8 35.77 21.93 -0.05
C LYS A 8 35.55 21.45 1.38
N VAL A 9 36.20 22.12 2.32
CA VAL A 9 35.95 21.89 3.73
C VAL A 9 35.65 23.22 4.40
N VAL A 10 34.42 23.70 4.25
CA VAL A 10 34.04 25.02 4.76
C VAL A 10 33.67 24.89 6.22
N ASN A 11 34.51 25.46 7.11
CA ASN A 11 34.27 25.46 8.55
C ASN A 11 34.15 24.02 9.08
N GLY A 12 35.06 23.15 8.64
CA GLY A 12 35.11 21.78 9.11
C GLY A 12 34.06 20.86 8.53
N CYS A 13 33.26 21.34 7.57
CA CYS A 13 32.20 20.55 6.94
C CYS A 13 32.68 20.03 5.61
N ARG A 14 32.56 18.72 5.40
CA ARG A 14 33.12 18.06 4.22
C ARG A 14 32.07 17.99 3.12
N LEU A 15 32.28 18.76 2.04
CA LEU A 15 31.45 18.70 0.85
C LEU A 15 32.15 17.91 -0.24
N GLY A 16 31.47 16.90 -0.77
CA GLY A 16 32.09 16.08 -1.79
C GLY A 16 31.16 15.00 -2.27
N LYS A 17 31.73 14.01 -2.95
CA LYS A 17 30.97 12.89 -3.48
C LYS A 17 31.84 11.64 -3.40
N ILE A 18 31.21 10.50 -3.20
CA ILE A 18 31.90 9.22 -3.18
C ILE A 18 31.72 8.56 -4.54
N GLN A 19 32.80 8.05 -5.11
CA GLN A 19 32.80 7.46 -6.44
C GLN A 19 33.27 6.01 -6.37
N ASN A 20 33.12 5.32 -7.49
CA ASN A 20 33.53 3.92 -7.67
C ASN A 20 32.71 2.99 -6.77
N LEU A 21 31.40 3.04 -6.96
CA LEU A 21 30.44 2.18 -6.26
C LEU A 21 29.58 1.42 -7.25
N GLY A 25 29.69 -1.86 -10.87
CA GLY A 25 29.60 -0.51 -11.42
C GLY A 25 30.53 0.49 -10.77
N ASP A 26 30.19 1.77 -10.88
CA ASP A 26 30.98 2.83 -10.26
C ASP A 26 30.07 4.03 -9.96
N CYS A 27 28.97 3.78 -9.26
CA CYS A 27 28.00 4.82 -8.93
C CYS A 27 28.57 5.79 -7.90
N THR A 28 27.78 6.80 -7.55
CA THR A 28 28.25 7.91 -6.73
C THR A 28 27.21 8.28 -5.67
N VAL A 29 27.71 8.89 -4.59
CA VAL A 29 26.90 9.31 -3.44
C VAL A 29 27.40 10.67 -2.97
N ASP A 30 26.49 11.64 -2.87
CA ASP A 30 26.85 12.98 -2.41
C ASP A 30 27.07 12.99 -0.91
N ILE A 31 28.06 13.76 -0.45
CA ILE A 31 28.23 13.96 0.99
C ILE A 31 28.35 15.46 1.28
N PRO A 32 27.83 15.95 2.42
CA PRO A 32 27.09 15.16 3.41
C PRO A 32 25.76 14.66 2.85
N GLY A 33 25.30 13.51 3.32
CA GLY A 33 24.07 12.95 2.79
C GLY A 33 23.50 11.94 3.76
N CYS A 34 22.36 11.38 3.38
CA CYS A 34 21.70 10.36 4.20
C CYS A 34 21.49 9.10 3.38
N LEU A 35 21.27 8.00 4.09
CA LEU A 35 20.97 6.72 3.47
C LEU A 35 19.48 6.47 3.56
N LEU A 36 18.91 5.84 2.53
CA LEU A 36 17.49 5.51 2.53
C LEU A 36 17.20 4.50 3.62
N TYR A 37 16.27 4.83 4.52
CA TYR A 37 15.93 3.94 5.63
C TYR A 37 14.98 2.85 5.14
N THR A 38 15.24 1.61 5.53
CA THR A 38 14.38 0.48 5.17
C THR A 38 14.14 -0.40 6.39
N ARG A 39 12.99 -1.07 6.40
CA ARG A 39 12.64 -2.04 7.44
C ARG A 39 12.24 -3.35 6.78
N THR A 40 12.87 -4.42 7.23
CA THR A 40 12.67 -5.77 6.69
C THR A 40 12.57 -5.73 5.17
N GLY A 41 13.60 -5.17 4.56
CA GLY A 41 13.76 -5.17 3.11
C GLY A 41 12.79 -4.33 2.30
N SER A 42 12.45 -3.13 2.80
CA SER A 42 11.67 -2.19 2.02
C SER A 42 11.66 -0.82 2.69
N ALA A 43 11.70 0.23 1.88
CA ALA A 43 11.37 1.55 2.38
C ALA A 43 9.95 1.52 2.93
N PRO A 44 9.73 1.94 4.18
CA PRO A 44 8.44 1.66 4.83
C PRO A 44 7.29 2.30 4.07
N HIS A 45 6.30 1.48 3.74
CA HIS A 45 5.06 1.89 3.09
C HIS A 45 5.26 2.29 1.65
N LEU A 46 6.47 2.12 1.09
CA LEU A 46 6.72 2.55 -0.28
C LEU A 46 7.12 1.37 -1.15
N THR A 47 6.91 1.52 -2.45
CA THR A 47 7.26 0.50 -3.45
C THR A 47 8.30 1.07 -4.41
N HIS A 48 8.62 0.27 -5.43
CA HIS A 48 9.45 0.78 -6.52
C HIS A 48 8.76 1.96 -7.21
N GLN A 49 7.48 1.81 -7.53
CA GLN A 49 6.76 2.85 -8.26
C GLN A 49 6.70 4.14 -7.45
N THR A 50 6.17 4.05 -6.21
CA THR A 50 5.99 5.25 -5.42
C THR A 50 7.32 5.89 -5.03
N LEU A 51 8.37 5.09 -4.89
CA LEU A 51 9.68 5.64 -4.57
C LEU A 51 10.27 6.40 -5.73
N ARG A 52 9.95 5.98 -6.97
CA ARG A 52 10.51 6.64 -8.15
C ARG A 52 10.05 8.09 -8.26
N ASN A 53 8.90 8.43 -7.68
CA ASN A 53 8.42 9.81 -7.74
C ASN A 53 9.12 10.71 -6.72
N ILE A 54 9.58 10.17 -5.59
CA ILE A 54 10.27 11.01 -4.60
C ILE A 54 11.53 11.58 -5.22
N HIS A 55 11.80 12.85 -4.94
CA HIS A 55 12.96 13.53 -5.49
C HIS A 55 14.11 13.47 -4.49
N GLY A 56 15.33 13.32 -5.01
CA GLY A 56 16.49 13.27 -4.16
C GLY A 56 16.65 12.00 -3.35
N VAL A 57 16.12 10.87 -3.83
CA VAL A 57 16.32 9.62 -3.11
C VAL A 57 17.83 9.32 -3.02
N PRO A 58 18.37 9.00 -1.86
CA PRO A 58 19.80 8.66 -1.75
C PRO A 58 20.20 7.54 -2.69
N GLY A 59 21.48 7.54 -3.05
CA GLY A 59 22.00 6.48 -3.90
C GLY A 59 22.13 5.15 -3.20
N ILE A 60 22.30 5.16 -1.89
CA ILE A 60 22.52 3.95 -1.10
C ILE A 60 21.43 3.82 -0.06
N ALA A 61 21.00 2.59 0.17
CA ALA A 61 19.92 2.26 1.09
C ALA A 61 20.47 1.48 2.28
N GLN A 62 19.94 1.76 3.46
CA GLN A 62 20.38 1.09 4.67
C GLN A 62 19.46 -0.09 4.96
N LEU A 63 20.08 -1.26 5.18
CA LEU A 63 19.43 -2.44 5.70
C LEU A 63 19.99 -2.73 7.08
N THR A 64 19.24 -3.48 7.88
CA THR A 64 19.69 -3.82 9.22
C THR A 64 19.73 -5.32 9.39
N LEU A 65 20.76 -5.80 10.07
CA LEU A 65 20.88 -7.22 10.37
C LEU A 65 19.70 -7.69 11.20
N SER A 66 19.24 -6.84 12.13
CA SER A 66 18.17 -7.25 13.03
C SER A 66 16.91 -7.66 12.26
N SER A 67 16.62 -7.01 11.14
CA SER A 67 15.42 -7.33 10.38
C SER A 67 15.65 -8.42 9.34
N LEU A 68 16.90 -8.74 9.01
CA LEU A 68 17.19 -9.75 8.00
C LEU A 68 17.82 -11.03 8.56
N ALA A 69 18.46 -10.98 9.73
CA ALA A 69 19.24 -12.12 10.21
C ALA A 69 18.39 -13.38 10.30
N GLU A 70 17.14 -13.26 10.73
CA GLU A 70 16.26 -14.41 10.90
C GLU A 70 15.84 -15.04 9.57
N HIS A 71 16.17 -14.42 8.44
CA HIS A 71 15.87 -14.98 7.12
C HIS A 71 17.09 -15.59 6.46
N HIS A 72 18.11 -15.94 7.26
CA HIS A 72 19.37 -16.44 6.74
C HIS A 72 19.16 -17.64 5.82
N GLU A 73 18.41 -18.64 6.27
CA GLU A 73 18.27 -19.89 5.52
C GLU A 73 17.77 -19.64 4.10
N VAL A 74 16.63 -18.95 3.98
CA VAL A 74 16.05 -18.70 2.66
C VAL A 74 17.01 -17.90 1.79
N LEU A 75 17.72 -16.94 2.39
CA LEU A 75 18.62 -16.10 1.60
C LEU A 75 19.82 -16.88 1.08
N ALA A 76 20.40 -17.74 1.92
CA ALA A 76 21.52 -18.59 1.47
C ALA A 76 21.07 -19.49 0.31
N GLU A 77 19.85 -20.02 0.39
CA GLU A 77 19.32 -20.81 -0.72
C GLU A 77 19.15 -19.97 -1.97
N TYR A 78 18.72 -18.71 -1.81
CA TYR A 78 18.50 -17.83 -2.95
C TYR A 78 19.80 -17.50 -3.68
N LYS A 79 20.92 -17.40 -2.93
CA LYS A 79 22.28 -17.21 -3.45
C LYS A 79 22.57 -15.82 -4.03
N LYS A 80 21.58 -15.17 -4.64
CA LYS A 80 21.85 -13.93 -5.39
C LYS A 80 21.87 -12.67 -4.53
N GLY A 81 21.88 -12.76 -3.20
CA GLY A 81 22.02 -11.60 -2.36
C GLY A 81 20.69 -10.97 -1.96
N VAL A 82 20.77 -10.07 -0.98
CA VAL A 82 19.53 -9.55 -0.40
C VAL A 82 18.88 -8.53 -1.33
N GLY A 83 19.69 -7.71 -2.02
CA GLY A 83 19.13 -6.71 -2.90
C GLY A 83 18.24 -7.32 -3.96
N SER A 84 18.75 -8.35 -4.64
CA SER A 84 17.96 -9.06 -5.63
C SER A 84 16.74 -9.72 -5.00
N PHE A 85 16.91 -10.31 -3.81
CA PHE A 85 15.83 -11.06 -3.19
C PHE A 85 14.63 -10.17 -2.88
N ILE A 86 14.86 -8.94 -2.41
CA ILE A 86 13.75 -8.07 -2.04
C ILE A 86 13.28 -7.27 -3.25
N GLY A 87 13.77 -7.59 -4.43
CA GLY A 87 13.22 -7.05 -5.66
C GLY A 87 13.83 -5.75 -6.15
N MET A 88 14.73 -5.12 -5.41
CA MET A 88 15.40 -3.89 -5.87
C MET A 88 16.89 -4.14 -6.01
N PRO A 89 17.30 -4.87 -7.06
CA PRO A 89 18.72 -5.21 -7.23
C PRO A 89 19.56 -4.07 -7.81
N GLU A 90 18.92 -3.03 -8.34
CA GLU A 90 19.63 -1.89 -8.89
C GLU A 90 20.16 -0.95 -7.81
N SER A 91 19.93 -1.24 -6.54
CA SER A 91 20.26 -0.34 -5.46
C SER A 91 21.53 -0.76 -4.74
N LEU A 92 22.18 0.21 -4.11
CA LEU A 92 23.31 -0.06 -3.23
C LEU A 92 22.80 -0.25 -1.82
N PHE A 93 23.43 -1.15 -1.07
CA PHE A 93 22.99 -1.45 0.28
C PHE A 93 24.16 -1.41 1.26
N TYR A 94 23.99 -0.64 2.33
CA TYR A 94 24.82 -0.70 3.53
C TYR A 94 24.02 -1.44 4.61
N CYS A 95 24.59 -2.52 5.14
CA CYS A 95 23.93 -3.33 6.16
C CYS A 95 24.54 -3.00 7.52
N SER A 96 23.76 -2.36 8.37
CA SER A 96 24.19 -2.06 9.73
C SER A 96 23.80 -3.21 10.66
N LEU A 97 24.31 -3.16 11.88
CA LEU A 97 23.98 -4.19 12.87
C LEU A 97 22.57 -4.01 13.40
N HIS A 98 22.25 -2.83 13.92
CA HIS A 98 21.00 -2.62 14.63
C HIS A 98 20.07 -1.68 13.88
N ASP A 99 18.80 -1.82 14.15
CA ASP A 99 17.83 -0.86 13.68
C ASP A 99 17.83 0.33 14.64
N PRO A 100 17.91 1.57 14.13
CA PRO A 100 17.95 2.73 15.03
C PRO A 100 16.65 2.97 15.77
N VAL A 101 15.51 2.50 15.24
CA VAL A 101 14.24 2.74 15.90
C VAL A 101 13.90 1.65 16.91
N THR A 102 14.22 0.39 16.61
CA THR A 102 13.84 -0.74 17.46
C THR A 102 15.07 -1.60 17.68
N PRO A 103 15.98 -1.16 18.55
CA PRO A 103 17.26 -1.88 18.71
C PRO A 103 17.18 -3.17 19.49
N GLY A 104 16.15 -3.38 20.31
CA GLY A 104 16.03 -4.60 21.07
C GLY A 104 16.69 -4.50 22.43
N PRO A 105 16.51 -5.52 23.27
CA PRO A 105 17.07 -5.47 24.62
C PRO A 105 18.58 -5.43 24.61
N ALA A 106 19.14 -4.68 25.56
CA ALA A 106 20.57 -4.53 25.71
C ALA A 106 21.11 -5.54 26.72
N GLY A 107 22.42 -5.75 26.68
CA GLY A 107 23.09 -6.62 27.63
C GLY A 107 23.42 -8.01 27.14
N TYR A 108 23.33 -8.27 25.84
CA TYR A 108 23.64 -9.58 25.28
C TYR A 108 24.93 -9.60 24.48
N VAL A 109 25.76 -8.57 24.62
CA VAL A 109 27.06 -8.54 23.97
C VAL A 109 28.09 -9.15 24.91
N THR A 110 28.86 -10.09 24.39
CA THR A 110 30.03 -10.63 25.07
C THR A 110 31.23 -10.48 24.16
N SER A 111 32.39 -10.93 24.63
CA SER A 111 33.56 -10.98 23.77
C SER A 111 33.44 -12.02 22.67
N LYS A 112 32.34 -12.76 22.60
CA LYS A 112 32.19 -13.86 21.65
C LYS A 112 30.96 -13.77 20.75
N SER A 113 29.95 -12.96 21.08
CA SER A 113 28.77 -12.89 20.22
C SER A 113 27.98 -11.62 20.51
N VAL A 114 27.19 -11.22 19.52
CA VAL A 114 26.23 -10.12 19.61
C VAL A 114 24.89 -10.65 19.13
N SER A 115 23.79 -10.20 19.75
CA SER A 115 22.47 -10.69 19.42
C SER A 115 21.58 -9.58 18.90
N VAL A 116 20.74 -9.92 17.91
CA VAL A 116 19.77 -9.00 17.33
C VAL A 116 18.40 -9.65 17.36
N TRP A 117 17.37 -8.81 17.32
CA TRP A 117 15.98 -9.24 17.34
C TRP A 117 15.25 -8.72 16.12
N GLY A 118 14.64 -9.62 15.36
CA GLY A 118 13.73 -9.27 14.29
C GLY A 118 12.28 -9.39 14.74
N PHE A 119 11.45 -9.96 13.86
CA PHE A 119 10.06 -10.19 14.22
C PHE A 119 9.91 -11.28 15.29
N GLY A 120 10.76 -12.30 15.23
CA GLY A 120 10.61 -13.47 16.07
C GLY A 120 11.48 -13.55 17.31
N GLY A 121 12.52 -14.37 17.26
CA GLY A 121 13.37 -14.61 18.40
C GLY A 121 14.77 -14.05 18.23
N ARG A 122 15.48 -13.98 19.35
CA ARG A 122 16.88 -13.55 19.37
C ARG A 122 17.71 -14.38 18.40
N VAL A 123 18.52 -13.70 17.59
CA VAL A 123 19.47 -14.34 16.71
C VAL A 123 20.86 -14.00 17.25
N GLU A 124 21.50 -14.96 17.89
CA GLU A 124 22.83 -14.76 18.45
C GLU A 124 23.87 -15.09 17.39
N MET A 125 24.87 -14.22 17.27
CA MET A 125 25.83 -14.29 16.18
C MET A 125 27.25 -14.20 16.73
N THR A 126 28.00 -15.28 16.57
CA THR A 126 29.46 -15.22 16.70
C THR A 126 30.01 -14.53 15.45
N VAL A 127 31.33 -14.47 15.34
CA VAL A 127 31.95 -13.91 14.15
C VAL A 127 31.63 -14.77 12.93
N SER A 128 31.77 -16.10 13.06
CA SER A 128 31.48 -17.00 11.96
C SER A 128 30.05 -16.82 11.48
N LYS A 129 29.08 -16.82 12.41
CA LYS A 129 27.68 -16.68 12.02
C LYS A 129 27.44 -15.32 11.38
N PHE A 130 27.99 -14.26 11.97
CA PHE A 130 27.90 -12.93 11.39
C PHE A 130 28.38 -12.95 9.94
N MET A 131 29.60 -13.44 9.71
CA MET A 131 30.15 -13.47 8.36
C MET A 131 29.38 -14.43 7.46
N ALA A 132 28.86 -15.53 8.01
CA ALA A 132 28.06 -16.44 7.20
C ALA A 132 26.76 -15.77 6.74
N ILE A 133 26.15 -14.97 7.62
CA ILE A 133 24.96 -14.21 7.24
C ILE A 133 25.27 -13.18 6.16
N GLN A 134 26.39 -12.46 6.32
CA GLN A 134 26.78 -11.47 5.32
C GLN A 134 27.07 -12.12 3.98
N GLU A 135 27.59 -13.35 3.99
CA GLU A 135 27.81 -14.05 2.72
C GLU A 135 26.50 -14.30 1.99
N ALA A 136 25.41 -14.45 2.73
CA ALA A 136 24.11 -14.62 2.09
C ALA A 136 23.51 -13.28 1.69
N LEU A 137 23.66 -12.26 2.54
CA LEU A 137 23.12 -10.93 2.24
C LEU A 137 23.84 -10.30 1.05
N GLN A 138 25.17 -10.38 1.05
CA GLN A 138 26.01 -9.73 0.04
C GLN A 138 25.74 -8.24 -0.13
N PRO A 139 25.75 -7.47 0.95
CA PRO A 139 25.58 -6.03 0.82
C PRO A 139 26.83 -5.40 0.21
N ASP A 140 26.67 -4.18 -0.32
CA ASP A 140 27.82 -3.46 -0.85
C ASP A 140 28.72 -2.98 0.28
N TRP A 141 28.13 -2.45 1.34
CA TRP A 141 28.85 -2.13 2.57
C TRP A 141 28.16 -2.84 3.72
N PHE A 142 28.94 -3.23 4.73
CA PHE A 142 28.32 -3.69 5.96
C PHE A 142 29.10 -3.21 7.17
N GLN A 143 28.35 -2.87 8.22
CA GLN A 143 28.96 -2.59 9.52
C GLN A 143 29.60 -3.86 10.06
N CYS A 144 30.85 -3.76 10.49
CA CYS A 144 31.47 -4.90 11.16
C CYS A 144 30.82 -5.13 12.52
N LEU A 145 30.77 -6.40 12.92
CA LEU A 145 30.32 -6.75 14.26
C LEU A 145 31.06 -5.93 15.31
N SER A 146 30.31 -5.42 16.29
CA SER A 146 30.90 -4.48 17.25
C SER A 146 30.10 -4.47 18.54
N ASP A 147 30.73 -3.94 19.59
CA ASP A 147 30.12 -3.78 20.92
C ASP A 147 29.86 -2.29 21.11
N GLY A 148 28.59 -1.89 20.93
CA GLY A 148 28.19 -0.52 21.14
C GLY A 148 27.39 -0.25 22.38
N GLU A 149 27.31 -1.22 23.30
CA GLU A 149 26.44 -1.13 24.47
C GLU A 149 27.14 -0.50 25.68
N ALA A 150 28.35 0.02 25.52
CA ALA A 150 29.08 0.62 26.64
C ALA A 150 28.45 1.93 27.09
N SER A 151 27.24 1.86 27.65
CA SER A 151 26.55 3.02 28.20
C SER A 151 25.28 2.58 28.96
N ILE A 158 33.48 2.62 33.33
CA ILE A 158 34.83 2.92 32.86
C ILE A 158 35.48 1.65 32.30
N LYS A 159 35.60 0.63 33.15
CA LYS A 159 36.15 -0.64 32.70
C LYS A 159 35.32 -1.25 31.58
N ARG A 160 34.02 -0.93 31.54
CA ARG A 160 33.17 -1.42 30.45
C ARG A 160 33.50 -0.77 29.12
N ALA A 161 34.15 0.40 29.13
CA ALA A 161 34.50 1.06 27.89
C ALA A 161 35.77 0.48 27.29
N ARG A 162 36.73 0.09 28.13
CA ARG A 162 37.91 -0.59 27.63
C ARG A 162 37.53 -1.85 26.86
N LYS A 163 36.56 -2.60 27.37
CA LYS A 163 36.14 -3.83 26.71
C LYS A 163 35.48 -3.55 25.37
N SER A 164 34.63 -2.52 25.30
CA SER A 164 33.94 -2.19 24.05
C SER A 164 34.93 -2.00 22.91
N VAL A 165 36.10 -1.43 23.21
CA VAL A 165 37.11 -1.22 22.18
C VAL A 165 37.76 -2.55 21.80
N ASP A 166 38.20 -3.33 22.81
CA ASP A 166 38.97 -4.53 22.53
C ASP A 166 38.12 -5.60 21.84
N ARG A 167 36.89 -5.82 22.31
CA ARG A 167 35.99 -6.74 21.62
C ARG A 167 35.81 -6.33 20.16
N SER A 168 35.54 -5.03 19.94
CA SER A 168 35.34 -4.54 18.58
C SER A 168 36.59 -4.66 17.74
N LEU A 169 37.77 -4.42 18.34
CA LEU A 169 39.02 -4.71 17.64
C LEU A 169 39.13 -6.20 17.32
N LEU A 170 38.79 -7.06 18.28
CA LEU A 170 38.89 -8.50 18.06
C LEU A 170 37.93 -8.95 16.97
N PHE A 171 36.68 -8.45 17.01
CA PHE A 171 35.72 -8.76 15.95
C PHE A 171 36.19 -8.25 14.60
N LEU A 172 36.79 -7.06 14.57
CA LEU A 172 37.20 -6.45 13.31
C LEU A 172 38.26 -7.30 12.61
N ASP A 173 39.24 -7.80 13.35
CA ASP A 173 40.33 -8.55 12.73
C ASP A 173 39.89 -9.95 12.31
N SER A 174 39.01 -10.58 13.10
CA SER A 174 38.49 -11.89 12.70
C SER A 174 37.65 -11.77 11.43
N CYS A 175 36.79 -10.74 11.35
CA CYS A 175 35.98 -10.55 10.17
C CYS A 175 36.84 -10.25 8.95
N LEU A 176 37.90 -9.46 9.13
CA LEU A 176 38.81 -9.19 8.02
C LEU A 176 39.44 -10.48 7.51
N ARG A 177 39.88 -11.34 8.42
CA ARG A 177 40.46 -12.62 8.02
C ARG A 177 39.48 -13.42 7.17
N LEU A 178 38.25 -13.60 7.67
CA LEU A 178 37.28 -14.41 6.95
C LEU A 178 36.90 -13.78 5.62
N GLN A 179 36.84 -12.45 5.56
CA GLN A 179 36.54 -11.80 4.28
C GLN A 179 37.64 -12.04 3.26
N GLU A 180 38.90 -12.10 3.71
CA GLU A 180 40.01 -12.30 2.78
C GLU A 180 39.91 -13.63 2.05
N GLU A 181 39.26 -14.62 2.66
CA GLU A 181 39.15 -15.94 2.05
C GLU A 181 37.72 -16.27 1.62
N SER A 182 36.84 -15.28 1.54
CA SER A 182 35.48 -15.47 1.07
C SER A 182 35.35 -14.82 -0.30
N GLU A 183 35.14 -15.64 -1.33
CA GLU A 183 34.96 -15.12 -2.67
C GLU A 183 33.76 -14.18 -2.74
N VAL A 184 32.68 -14.52 -2.03
CA VAL A 184 31.46 -13.70 -2.08
C VAL A 184 31.74 -12.30 -1.55
N LEU A 185 32.34 -12.21 -0.37
CA LEU A 185 32.52 -10.94 0.31
C LEU A 185 33.69 -10.13 -0.21
N GLN A 186 34.26 -10.52 -1.35
CA GLN A 186 35.39 -9.77 -1.92
C GLN A 186 34.95 -8.38 -2.37
N LYS A 187 33.81 -8.28 -3.05
CA LYS A 187 33.31 -7.02 -3.55
C LYS A 187 32.44 -6.28 -2.53
N SER A 188 32.52 -6.65 -1.26
CA SER A 188 31.80 -5.97 -0.18
C SER A 188 32.79 -5.20 0.69
N VAL A 189 32.37 -4.03 1.14
CA VAL A 189 33.21 -3.10 1.88
C VAL A 189 32.82 -3.15 3.36
N ILE A 190 33.80 -3.51 4.22
CA ILE A 190 33.60 -3.47 5.67
C ILE A 190 33.76 -2.05 6.17
N ILE A 191 32.91 -1.67 7.13
CA ILE A 191 32.98 -0.39 7.81
C ILE A 191 33.49 -0.63 9.23
N GLY A 192 34.60 0.01 9.59
CA GLY A 192 35.06 -0.04 10.96
C GLY A 192 34.14 0.72 11.91
N VAL A 193 34.10 0.29 13.16
CA VAL A 193 33.18 0.82 14.16
C VAL A 193 33.98 1.36 15.34
N ILE A 194 33.87 2.66 15.58
CA ILE A 194 34.56 3.31 16.69
C ILE A 194 33.70 3.18 17.94
N GLU A 195 34.26 2.59 18.99
CA GLU A 195 33.57 2.45 20.26
C GLU A 195 34.35 3.18 21.34
N GLY A 196 34.19 2.75 22.60
CA GLY A 196 34.81 3.42 23.71
C GLY A 196 33.86 4.20 24.60
N GLY A 197 32.58 4.30 24.23
CA GLY A 197 31.61 4.92 25.09
C GLY A 197 31.91 6.38 25.34
N ASP A 198 31.81 6.79 26.60
CA ASP A 198 32.01 8.17 26.99
C ASP A 198 33.39 8.41 27.61
N VAL A 199 34.29 7.45 27.51
CA VAL A 199 35.65 7.59 28.02
C VAL A 199 36.53 8.12 26.89
N MET A 200 37.05 9.34 27.07
N MET A 200 37.07 9.34 27.09
CA MET A 200 37.83 9.99 26.02
CA MET A 200 37.84 10.00 26.05
C MET A 200 39.02 9.13 25.58
C MET A 200 39.03 9.16 25.60
N GLU A 201 39.74 8.54 26.54
CA GLU A 201 40.94 7.78 26.20
C GLU A 201 40.62 6.65 25.23
N GLU A 202 39.52 5.93 25.46
CA GLU A 202 39.21 4.77 24.63
C GLU A 202 38.72 5.18 23.25
N ARG A 203 37.94 6.26 23.19
CA ARG A 203 37.48 6.78 21.89
C ARG A 203 38.66 7.06 20.97
N LEU A 204 39.66 7.77 21.49
CA LEU A 204 40.88 8.02 20.72
C LEU A 204 41.57 6.70 20.37
N ARG A 205 41.59 5.75 21.31
CA ARG A 205 42.20 4.46 21.03
C ARG A 205 41.43 3.72 19.93
N SER A 206 40.11 3.58 20.11
CA SER A 206 39.30 2.93 19.08
C SER A 206 39.46 3.64 17.74
N ALA A 207 39.46 4.98 17.76
CA ALA A 207 39.63 5.74 16.52
C ALA A 207 40.98 5.42 15.88
N ARG A 208 42.07 5.62 16.63
CA ARG A 208 43.41 5.47 16.07
C ARG A 208 43.72 4.01 15.75
N GLU A 209 43.13 3.06 16.47
CA GLU A 209 43.45 1.66 16.22
C GLU A 209 42.59 1.10 15.08
N THR A 210 41.31 1.48 15.01
CA THR A 210 40.49 1.02 13.90
C THR A 210 40.99 1.57 12.57
N ALA A 211 41.55 2.79 12.58
CA ALA A 211 42.12 3.36 11.37
C ALA A 211 43.36 2.59 10.90
N LYS A 212 44.03 1.86 11.81
CA LYS A 212 45.18 1.07 11.38
C LYS A 212 44.77 -0.01 10.36
N ARG A 213 43.52 -0.55 10.45
CA ARG A 213 43.03 -1.62 9.59
C ARG A 213 42.47 -1.04 8.29
N PRO A 214 42.48 -1.82 7.19
CA PRO A 214 42.10 -1.28 5.87
C PRO A 214 40.60 -1.33 5.61
N VAL A 215 39.84 -0.69 6.48
CA VAL A 215 38.39 -0.65 6.32
C VAL A 215 38.03 0.42 5.29
N GLY A 216 36.83 0.28 4.70
CA GLY A 216 36.39 1.22 3.69
C GLY A 216 35.82 2.51 4.24
N GLY A 217 35.46 2.54 5.52
CA GLY A 217 34.85 3.69 6.13
C GLY A 217 34.73 3.45 7.62
N PHE A 218 34.16 4.42 8.31
CA PHE A 218 34.05 4.35 9.75
C PHE A 218 32.62 4.64 10.19
N LEU A 219 32.16 3.89 11.20
CA LEU A 219 30.87 4.12 11.83
C LEU A 219 31.10 4.67 13.23
N LEU A 220 30.51 5.82 13.52
CA LEU A 220 30.62 6.47 14.81
C LEU A 220 29.44 6.01 15.65
N ASP A 221 29.72 5.10 16.59
CA ASP A 221 28.71 4.36 17.32
C ASP A 221 28.60 4.91 18.75
N GLY A 222 27.39 4.92 19.28
CA GLY A 222 27.21 5.31 20.66
C GLY A 222 27.09 6.79 20.89
N PHE A 223 26.74 7.57 19.87
CA PHE A 223 26.60 9.02 19.99
C PHE A 223 25.14 9.46 20.00
N GLN A 224 24.21 8.51 20.12
CA GLN A 224 22.78 8.83 20.13
C GLN A 224 22.44 9.77 21.29
N GLY A 225 21.35 10.52 21.11
CA GLY A 225 20.89 11.45 22.11
C GLY A 225 19.93 10.80 23.09
N ASP A 226 19.30 11.65 23.90
CA ASP A 226 18.34 11.21 24.90
C ASP A 226 17.52 12.39 25.40
N VAL A 229 21.56 14.57 22.22
CA VAL A 229 22.99 14.45 21.94
C VAL A 229 23.76 15.46 22.79
N THR A 230 24.39 14.97 23.85
CA THR A 230 25.09 15.85 24.79
C THR A 230 26.24 16.55 24.11
N GLU A 231 26.51 17.78 24.54
CA GLU A 231 27.69 18.49 24.03
C GLU A 231 28.98 17.82 24.45
N THR A 232 28.96 17.05 25.54
CA THR A 232 30.08 16.16 25.87
C THR A 232 30.34 15.18 24.73
N ARG A 233 29.30 14.48 24.28
CA ARG A 233 29.45 13.54 23.18
C ARG A 233 29.93 14.25 21.92
N LEU A 234 29.47 15.48 21.68
CA LEU A 234 29.90 16.21 20.50
C LEU A 234 31.40 16.50 20.54
N HIS A 235 31.93 16.77 21.74
CA HIS A 235 33.38 16.94 21.87
C HIS A 235 34.11 15.65 21.56
N LEU A 236 33.65 14.52 22.12
CA LEU A 236 34.20 13.23 21.76
C LEU A 236 34.16 13.01 20.25
N LEU A 237 33.02 13.36 19.63
CA LEU A 237 32.85 13.17 18.20
C LEU A 237 33.93 13.89 17.41
N SER A 238 34.05 15.20 17.61
CA SER A 238 35.04 15.98 16.87
C SER A 238 36.46 15.54 17.18
N SER A 239 36.70 15.11 18.43
CA SER A 239 38.01 14.57 18.76
C SER A 239 38.24 13.24 18.08
N VAL A 240 37.19 12.45 17.87
CA VAL A 240 37.36 11.15 17.22
C VAL A 240 37.59 11.34 15.73
N THR A 241 36.76 12.18 15.08
CA THR A 241 36.93 12.43 13.66
C THR A 241 38.28 13.06 13.35
N ALA A 242 38.89 13.73 14.33
CA ALA A 242 40.22 14.31 14.13
C ALA A 242 41.29 13.23 13.97
N GLU A 243 41.07 12.06 14.55
CA GLU A 243 42.01 10.95 14.43
C GLU A 243 41.76 10.09 13.20
N LEU A 244 40.71 10.34 12.50
CA LEU A 244 40.35 9.55 11.34
C LEU A 244 40.89 10.18 10.06
N PRO A 245 41.27 9.36 9.08
CA PRO A 245 41.79 9.92 7.82
C PRO A 245 40.69 10.68 7.08
N GLU A 246 41.11 11.46 6.11
CA GLU A 246 40.18 12.34 5.40
C GLU A 246 39.51 11.68 4.20
N ASP A 247 40.19 10.74 3.55
CA ASP A 247 39.72 10.20 2.28
C ASP A 247 38.72 9.06 2.44
N LYS A 248 38.28 8.77 3.66
CA LYS A 248 37.37 7.67 3.92
C LYS A 248 36.06 8.20 4.50
N PRO A 249 34.91 7.66 4.06
CA PRO A 249 33.61 8.18 4.53
C PRO A 249 33.41 7.96 6.03
N ARG A 250 32.63 8.86 6.63
CA ARG A 250 32.31 8.81 8.05
C ARG A 250 30.79 8.73 8.21
N LEU A 251 30.31 7.57 8.68
CA LEU A 251 28.91 7.33 8.96
C LEU A 251 28.65 7.49 10.45
N ILE A 252 27.40 7.79 10.80
CA ILE A 252 26.97 7.84 12.19
C ILE A 252 25.60 7.19 12.27
N CYS A 253 25.33 6.55 13.41
CA CYS A 253 24.05 5.86 13.59
C CYS A 253 23.26 6.52 14.71
N GLY A 254 21.93 6.45 14.59
CA GLY A 254 21.08 6.98 15.63
C GLY A 254 21.01 8.48 15.70
N VAL A 255 21.48 9.17 14.65
CA VAL A 255 21.46 10.63 14.58
C VAL A 255 20.78 11.02 13.27
N SER A 256 19.59 11.60 13.37
CA SER A 256 18.80 11.83 12.17
C SER A 256 17.99 13.12 12.27
N ARG A 257 17.62 13.55 13.47
CA ARG A 257 16.90 14.81 13.61
C ARG A 257 17.73 15.93 12.98
N PRO A 258 17.08 16.91 12.33
CA PRO A 258 17.85 17.88 11.51
C PRO A 258 18.86 18.71 12.30
N ASP A 259 18.53 19.15 13.51
CA ASP A 259 19.48 19.97 14.25
C ASP A 259 20.70 19.15 14.65
N GLU A 260 20.48 17.89 15.07
CA GLU A 260 21.60 17.02 15.41
C GLU A 260 22.47 16.72 14.19
N VAL A 261 21.83 16.46 13.05
CA VAL A 261 22.57 16.27 11.80
C VAL A 261 23.55 17.41 11.59
N LEU A 262 23.08 18.66 11.69
CA LEU A 262 23.96 19.79 11.42
C LEU A 262 25.12 19.86 12.40
N GLU A 263 24.86 19.54 13.69
CA GLU A 263 25.95 19.55 14.66
C GLU A 263 27.03 18.54 14.29
N CYS A 264 26.62 17.37 13.79
CA CYS A 264 27.57 16.33 13.45
C CYS A 264 28.32 16.66 12.16
N ILE A 265 27.64 17.30 11.21
CA ILE A 265 28.30 17.70 9.97
C ILE A 265 29.44 18.69 10.24
N GLU A 266 29.23 19.61 11.19
CA GLU A 266 30.28 20.56 11.57
C GLU A 266 31.50 19.86 12.13
N ARG A 267 31.36 18.61 12.56
CA ARG A 267 32.43 17.88 13.20
C ARG A 267 32.96 16.73 12.34
N GLY A 268 32.76 16.82 11.03
CA GLY A 268 33.37 15.89 10.10
C GLY A 268 32.60 14.63 9.75
N VAL A 269 31.30 14.56 10.07
CA VAL A 269 30.49 13.37 9.77
C VAL A 269 29.80 13.56 8.43
N ASP A 270 29.83 12.52 7.58
CA ASP A 270 29.37 12.58 6.19
C ASP A 270 27.97 11.98 5.97
N LEU A 271 27.66 10.85 6.58
CA LEU A 271 26.50 10.06 6.17
C LEU A 271 25.61 9.74 7.37
N PHE A 272 24.30 9.85 7.15
CA PHE A 272 23.32 9.82 8.22
C PHE A 272 22.19 8.85 7.88
N GLU A 273 21.61 8.26 8.92
CA GLU A 273 20.40 7.48 8.74
C GLU A 273 19.21 8.42 8.60
N SER A 274 18.22 7.98 7.84
CA SER A 274 17.01 8.74 7.59
C SER A 274 15.80 8.15 8.34
N PHE A 275 16.00 7.63 9.54
CA PHE A 275 14.87 7.11 10.31
C PHE A 275 14.00 8.22 10.89
N PHE A 276 14.51 9.45 10.96
CA PHE A 276 13.69 10.54 11.49
C PHE A 276 12.40 10.74 10.71
N PRO A 277 12.40 10.93 9.38
CA PRO A 277 11.11 11.06 8.67
C PRO A 277 10.18 9.86 8.84
N TYR A 278 10.73 8.65 9.01
CA TYR A 278 9.86 7.51 9.28
C TYR A 278 9.19 7.64 10.64
N GLN A 279 9.93 8.08 11.66
CA GLN A 279 9.30 8.24 12.97
C GLN A 279 8.19 9.27 12.91
N VAL A 280 8.42 10.37 12.20
CA VAL A 280 7.38 11.39 12.00
C VAL A 280 6.14 10.76 11.40
N THR A 281 6.33 9.95 10.35
CA THR A 281 5.21 9.29 9.68
C THR A 281 4.43 8.41 10.64
N GLU A 282 5.14 7.60 11.43
CA GLU A 282 4.46 6.61 12.27
C GLU A 282 3.60 7.26 13.35
N ARG A 283 3.88 8.50 13.74
CA ARG A 283 2.99 9.17 14.68
C ARG A 283 1.97 10.05 13.95
N GLY A 284 1.77 9.83 12.65
CA GLY A 284 0.73 10.55 11.93
C GLY A 284 1.04 12.01 11.66
N CYS A 285 2.33 12.35 11.52
CA CYS A 285 2.75 13.74 11.41
C CYS A 285 3.44 13.98 10.07
N ALA A 286 3.48 15.25 9.68
CA ALA A 286 4.08 15.66 8.42
C ALA A 286 5.13 16.73 8.68
N LEU A 287 6.31 16.56 8.08
CA LEU A 287 7.37 17.56 8.21
C LEU A 287 6.96 18.84 7.48
N THR A 288 7.09 19.98 8.15
CA THR A 288 6.78 21.26 7.50
C THR A 288 7.89 22.28 7.62
N PHE A 289 8.98 21.98 8.33
CA PHE A 289 9.99 23.02 8.56
C PHE A 289 10.54 23.51 7.23
N THR A 290 10.72 24.82 7.13
CA THR A 290 11.27 25.42 5.93
C THR A 290 12.78 25.26 5.96
N PHE A 291 13.37 25.03 4.81
CA PHE A 291 14.82 24.94 4.77
C PHE A 291 15.41 25.78 3.63
N ASP A 292 14.84 26.97 3.36
CA ASP A 292 15.44 27.83 2.34
C ASP A 292 15.49 29.33 2.64
N CYS A 293 14.45 29.93 3.22
CA CYS A 293 14.39 31.40 3.25
C CYS A 293 13.93 31.94 4.61
N GLN A 294 14.11 33.25 4.77
CA GLN A 294 13.84 33.99 6.01
C GLN A 294 12.34 34.19 6.29
N SER A 331 8.02 25.52 14.85
CA SER A 331 7.37 24.24 14.56
C SER A 331 8.01 23.54 13.36
N PHE A 332 8.38 22.28 13.53
CA PHE A 332 8.96 21.51 12.44
C PHE A 332 8.02 20.48 11.84
N GLU A 333 6.86 20.23 12.47
CA GLU A 333 5.94 19.21 11.98
C GLU A 333 4.52 19.56 12.40
N ILE A 334 3.55 19.00 11.67
CA ILE A 334 2.15 19.11 12.06
C ILE A 334 1.58 17.71 12.25
N ASN A 335 0.59 17.59 13.15
CA ASN A 335 -0.01 16.33 13.56
C ASN A 335 -1.35 16.24 12.83
N LEU A 336 -1.41 15.41 11.79
CA LEU A 336 -2.59 15.38 10.95
C LEU A 336 -3.78 14.71 11.62
N LYS A 337 -3.58 14.12 12.80
CA LYS A 337 -4.73 13.61 13.54
C LYS A 337 -5.53 14.72 14.21
N GLU A 338 -4.97 15.92 14.33
CA GLU A 338 -5.68 16.98 15.05
C GLU A 338 -6.92 17.42 14.29
N LYS A 339 -8.00 17.66 15.03
CA LYS A 339 -9.29 18.01 14.46
C LYS A 339 -9.22 19.25 13.57
N LYS A 340 -8.30 20.16 13.84
CA LYS A 340 -8.21 21.36 13.01
C LYS A 340 -7.91 21.06 11.55
N TYR A 341 -7.50 19.85 11.21
CA TYR A 341 -7.23 19.52 9.82
C TYR A 341 -8.41 18.87 9.11
N GLN A 342 -9.56 18.67 9.78
CA GLN A 342 -10.65 17.91 9.17
C GLN A 342 -11.23 18.60 7.94
N GLU A 343 -11.17 19.93 7.90
CA GLU A 343 -11.70 20.73 6.81
C GLU A 343 -10.61 21.52 6.10
N ASP A 344 -9.34 21.20 6.34
CA ASP A 344 -8.23 21.96 5.79
C ASP A 344 -7.86 21.36 4.44
N PHE A 345 -8.22 22.05 3.36
CA PHE A 345 -8.02 21.53 2.01
C PHE A 345 -6.71 22.01 1.36
N ASP A 346 -5.78 22.56 2.13
CA ASP A 346 -4.43 22.84 1.69
C ASP A 346 -3.60 21.57 1.63
N PRO A 347 -2.54 21.55 0.82
CA PRO A 347 -1.59 20.43 0.87
C PRO A 347 -0.84 20.47 2.18
N LEU A 348 -0.08 19.40 2.45
CA LEU A 348 0.74 19.37 3.66
C LEU A 348 1.68 20.57 3.70
N VAL A 349 2.31 20.88 2.57
CA VAL A 349 3.29 21.97 2.49
C VAL A 349 3.07 22.65 1.16
N ARG A 350 2.63 23.91 1.20
CA ARG A 350 2.50 24.71 -0.01
C ARG A 350 3.83 24.72 -0.77
N GLY A 351 3.75 24.47 -2.08
CA GLY A 351 4.95 24.45 -2.90
C GLY A 351 5.71 23.14 -2.92
N CYS A 352 5.40 22.20 -2.02
CA CYS A 352 6.06 20.90 -2.08
C CYS A 352 5.74 20.20 -3.39
N SER A 353 6.72 19.46 -3.92
CA SER A 353 6.58 18.78 -5.20
C SER A 353 6.25 17.30 -5.08
N CYS A 354 6.13 16.76 -3.87
CA CYS A 354 5.86 15.33 -3.73
C CYS A 354 4.44 15.00 -4.21
N TYR A 355 4.20 13.71 -4.47
CA TYR A 355 2.90 13.29 -5.01
C TYR A 355 1.77 13.59 -4.04
N CYS A 356 2.02 13.43 -2.74
CA CYS A 356 1.00 13.74 -1.73
C CYS A 356 0.58 15.20 -1.81
N CYS A 357 1.55 16.13 -1.74
CA CYS A 357 1.18 17.55 -1.71
C CYS A 357 0.60 18.02 -3.03
N LYS A 358 1.10 17.48 -4.14
CA LYS A 358 0.56 17.95 -5.41
C LYS A 358 -0.85 17.43 -5.68
N ASN A 359 -1.34 16.43 -4.92
CA ASN A 359 -2.58 15.79 -5.34
C ASN A 359 -3.55 15.44 -4.22
N HIS A 360 -3.25 15.75 -2.95
CA HIS A 360 -4.11 15.37 -1.84
C HIS A 360 -4.10 16.49 -0.80
N THR A 361 -5.10 16.47 0.07
CA THR A 361 -5.29 17.55 1.04
C THR A 361 -4.97 17.07 2.45
N ARG A 362 -4.75 18.03 3.35
CA ARG A 362 -4.68 17.69 4.77
C ARG A 362 -5.97 17.04 5.25
N ALA A 363 -7.12 17.55 4.80
CA ALA A 363 -8.41 16.97 5.16
C ALA A 363 -8.46 15.50 4.84
N TYR A 364 -8.01 15.11 3.64
CA TYR A 364 -8.11 13.72 3.23
C TYR A 364 -7.20 12.84 4.07
N ILE A 365 -5.98 13.30 4.31
CA ILE A 365 -5.05 12.51 5.10
C ILE A 365 -5.53 12.37 6.54
N HIS A 366 -6.09 13.46 7.09
CA HIS A 366 -6.72 13.40 8.41
C HIS A 366 -7.77 12.30 8.49
N HIS A 367 -8.66 12.27 7.50
CA HIS A 367 -9.69 11.25 7.44
C HIS A 367 -9.08 9.85 7.37
N LEU A 368 -8.04 9.69 6.55
CA LEU A 368 -7.43 8.37 6.37
C LEU A 368 -6.81 7.88 7.67
N LEU A 369 -6.21 8.79 8.46
CA LEU A 369 -5.68 8.41 9.76
C LEU A 369 -6.79 8.01 10.72
N MET A 370 -7.90 8.76 10.71
CA MET A 370 -9.00 8.46 11.62
C MET A 370 -9.62 7.10 11.33
N THR A 371 -9.59 6.64 10.09
CA THR A 371 -10.11 5.32 9.73
C THR A 371 -8.98 4.29 9.57
N ASN A 372 -7.75 4.69 9.88
CA ASN A 372 -6.61 3.79 9.89
C ASN A 372 -6.39 3.14 8.52
N GLU A 373 -6.59 3.91 7.46
CA GLU A 373 -6.23 3.41 6.13
C GLU A 373 -4.72 3.56 5.94
N LEU A 374 -4.11 2.51 5.40
N LEU A 374 -4.11 2.51 5.39
CA LEU A 374 -2.67 2.49 5.15
CA LEU A 374 -2.66 2.54 5.19
C LEU A 374 -2.24 3.53 4.12
C LEU A 374 -2.24 3.57 4.15
N LEU A 375 -3.16 4.01 3.28
CA LEU A 375 -2.81 5.09 2.36
C LEU A 375 -2.27 6.30 3.13
N ALA A 376 -2.76 6.56 4.35
CA ALA A 376 -2.20 7.67 5.12
C ALA A 376 -0.69 7.51 5.29
N GLY A 377 -0.27 6.35 5.79
CA GLY A 377 1.15 6.11 5.96
C GLY A 377 1.93 6.21 4.66
N VAL A 378 1.32 5.78 3.54
CA VAL A 378 1.99 5.92 2.25
C VAL A 378 2.23 7.39 1.93
N LEU A 379 1.17 8.21 1.99
CA LEU A 379 1.28 9.61 1.57
C LEU A 379 2.17 10.42 2.51
N LEU A 380 2.12 10.12 3.81
CA LEU A 380 3.00 10.78 4.78
C LEU A 380 4.45 10.37 4.58
N MET A 381 4.70 9.08 4.27
CA MET A 381 6.08 8.66 4.03
C MET A 381 6.64 9.32 2.79
N MET A 382 5.85 9.38 1.71
N MET A 382 5.86 9.36 1.71
CA MET A 382 6.32 10.06 0.50
CA MET A 382 6.28 10.07 0.51
C MET A 382 6.71 11.50 0.81
C MET A 382 6.72 11.48 0.84
N HIS A 383 5.83 12.25 1.48
CA HIS A 383 6.12 13.64 1.78
C HIS A 383 7.30 13.76 2.73
N ASN A 384 7.34 12.93 3.78
CA ASN A 384 8.36 13.09 4.80
C ASN A 384 9.74 12.75 4.27
N PHE A 385 9.86 11.70 3.44
CA PHE A 385 11.12 11.40 2.79
C PHE A 385 11.51 12.52 1.83
N GLU A 386 10.56 12.97 1.00
CA GLU A 386 10.85 14.05 0.08
C GLU A 386 11.32 15.30 0.81
N HIS A 387 10.65 15.63 1.92
CA HIS A 387 11.04 16.81 2.70
C HIS A 387 12.43 16.63 3.29
N TYR A 388 12.72 15.43 3.79
CA TYR A 388 13.98 15.19 4.46
C TYR A 388 15.14 15.15 3.47
N PHE A 389 14.95 14.49 2.32
CA PHE A 389 15.99 14.51 1.30
C PHE A 389 16.19 15.92 0.75
N GLY A 390 15.11 16.70 0.65
CA GLY A 390 15.26 18.09 0.24
C GLY A 390 16.08 18.89 1.23
N PHE A 391 15.87 18.62 2.53
CA PHE A 391 16.69 19.23 3.57
C PHE A 391 18.17 18.95 3.35
N PHE A 392 18.52 17.69 3.04
CA PHE A 392 19.93 17.39 2.77
C PHE A 392 20.42 18.08 1.50
N CYS A 393 19.59 18.17 0.47
N CYS A 393 19.58 18.17 0.48
CA CYS A 393 19.97 18.95 -0.71
CA CYS A 393 19.92 18.95 -0.71
C CYS A 393 20.30 20.38 -0.32
C CYS A 393 20.26 20.39 -0.34
N SER A 394 19.52 20.96 0.61
CA SER A 394 19.79 22.32 1.02
C SER A 394 21.11 22.44 1.78
N ILE A 395 21.47 21.43 2.58
CA ILE A 395 22.77 21.44 3.24
C ILE A 395 23.90 21.52 2.21
N ARG A 396 23.86 20.63 1.21
CA ARG A 396 24.96 20.65 0.23
C ARG A 396 24.99 21.96 -0.54
N GLU A 397 23.82 22.51 -0.86
CA GLU A 397 23.77 23.81 -1.53
C GLU A 397 24.30 24.92 -0.63
N ALA A 398 23.97 24.89 0.67
CA ALA A 398 24.48 25.91 1.59
C ALA A 398 26.00 25.82 1.72
N LEU A 399 26.55 24.60 1.72
CA LEU A 399 28.00 24.45 1.77
C LEU A 399 28.66 25.00 0.52
N LYS A 400 28.06 24.76 -0.64
CA LYS A 400 28.59 25.33 -1.88
C LYS A 400 28.61 26.85 -1.81
N ASN A 401 27.59 27.46 -1.24
CA ASN A 401 27.44 28.90 -1.22
C ASN A 401 27.98 29.54 0.05
N ASP A 402 28.48 28.75 0.99
CA ASP A 402 29.03 29.27 2.25
C ASP A 402 27.94 29.86 3.14
N THR A 403 26.78 29.22 3.20
CA THR A 403 25.70 29.77 4.01
C THR A 403 25.16 28.75 5.01
N LEU A 404 25.97 27.76 5.39
CA LEU A 404 25.47 26.72 6.28
C LEU A 404 25.12 27.29 7.65
N ALA A 405 25.88 28.27 8.13
CA ALA A 405 25.58 28.89 9.42
C ALA A 405 24.17 29.47 9.43
N GLN A 406 23.78 30.13 8.33
CA GLN A 406 22.44 30.69 8.20
C GLN A 406 21.39 29.57 8.16
N LEU A 407 21.66 28.49 7.42
CA LEU A 407 20.71 27.39 7.37
C LEU A 407 20.54 26.75 8.73
N LYS A 408 21.63 26.66 9.50
CA LYS A 408 21.56 26.09 10.84
C LYS A 408 20.64 26.91 11.73
N GLU A 409 20.72 28.23 11.63
CA GLU A 409 19.86 29.07 12.45
C GLU A 409 18.40 28.97 11.99
N LEU A 410 18.19 28.83 10.69
CA LEU A 410 16.83 28.64 10.16
C LEU A 410 16.22 27.33 10.68
N ILE A 411 17.00 26.25 10.64
CA ILE A 411 16.53 24.96 11.17
C ILE A 411 16.31 25.06 12.68
N CYS A 412 17.29 25.61 13.39
N CYS A 412 17.32 25.57 13.40
CA CYS A 412 17.24 25.58 14.85
CA CYS A 412 17.26 25.64 14.85
C CYS A 412 16.19 26.51 15.44
C CYS A 412 16.04 26.40 15.33
N ARG A 413 15.73 27.53 14.70
CA ARG A 413 14.62 28.35 15.17
C ARG A 413 13.28 27.66 15.01
N GLN A 414 13.21 26.58 14.24
CA GLN A 414 11.97 25.83 14.06
C GLN A 414 11.91 24.55 14.90
N MET A 415 13.04 24.07 15.40
CA MET A 415 13.07 22.87 16.21
C MET A 415 12.94 23.27 17.68
N GLU B 3 -40.00 8.69 -27.06
CA GLU B 3 -39.26 9.76 -26.40
C GLU B 3 -38.58 9.26 -25.12
N SER B 4 -37.82 8.17 -25.23
CA SER B 4 -37.07 7.66 -24.09
C SER B 4 -35.83 8.52 -23.84
N ALA B 5 -35.25 8.35 -22.66
CA ALA B 5 -34.04 9.07 -22.31
C ALA B 5 -32.86 8.54 -23.11
N PRO B 6 -31.81 9.35 -23.28
CA PRO B 6 -30.62 8.87 -24.00
C PRO B 6 -29.98 7.68 -23.28
N ARG B 7 -29.51 6.71 -24.06
CA ARG B 7 -28.90 5.50 -23.53
C ARG B 7 -27.44 5.75 -23.20
N ILE B 8 -26.99 5.28 -22.03
CA ILE B 8 -25.60 5.46 -21.64
C ILE B 8 -24.70 4.33 -22.11
N MET B 9 -25.25 3.24 -22.61
CA MET B 9 -24.45 2.12 -23.06
C MET B 9 -24.57 1.96 -24.57
N ARG B 10 -23.47 1.57 -25.20
CA ARG B 10 -23.56 1.07 -26.56
C ARG B 10 -22.94 -0.31 -26.59
N LEU B 11 -23.52 -1.19 -27.41
CA LEU B 11 -23.00 -2.54 -27.60
C LEU B 11 -22.04 -2.54 -28.78
N VAL B 12 -20.82 -3.02 -28.56
CA VAL B 12 -19.78 -3.03 -29.58
C VAL B 12 -19.68 -4.41 -30.21
N ALA B 13 -20.06 -5.46 -29.45
CA ALA B 13 -20.09 -6.80 -30.01
C ALA B 13 -20.95 -7.69 -29.12
N GLU B 14 -21.48 -8.75 -29.71
CA GLU B 14 -22.30 -9.73 -29.01
C GLU B 14 -21.89 -11.13 -29.45
N CYS B 15 -21.98 -12.08 -28.54
CA CYS B 15 -21.79 -13.48 -28.90
C CYS B 15 -23.06 -14.01 -29.53
N SER B 16 -22.92 -14.75 -30.63
CA SER B 16 -24.10 -15.19 -31.37
C SER B 16 -24.85 -16.29 -30.66
N ARG B 17 -24.15 -17.16 -29.93
CA ARG B 17 -24.80 -18.25 -29.20
C ARG B 17 -25.27 -17.80 -27.82
N SER B 18 -24.36 -17.26 -27.01
CA SER B 18 -24.67 -16.95 -25.63
C SER B 18 -25.18 -15.52 -25.50
N GLY B 19 -25.34 -15.06 -24.26
CA GLY B 19 -25.72 -13.70 -23.97
C GLY B 19 -24.58 -12.76 -23.72
N ALA B 20 -23.34 -13.24 -23.85
CA ALA B 20 -22.18 -12.38 -23.62
C ALA B 20 -22.25 -11.15 -24.49
N ARG B 21 -22.01 -9.98 -23.88
CA ARG B 21 -22.02 -8.69 -24.54
C ARG B 21 -20.72 -7.97 -24.24
N ALA B 22 -20.18 -7.26 -25.24
CA ALA B 22 -19.09 -6.32 -25.04
C ALA B 22 -19.63 -4.92 -25.35
N GLY B 23 -19.54 -4.02 -24.38
CA GLY B 23 -20.06 -2.70 -24.61
C GLY B 23 -19.24 -1.56 -24.02
N GLU B 24 -19.80 -0.35 -24.09
CA GLU B 24 -19.15 0.81 -23.51
C GLU B 24 -20.19 1.59 -22.73
N LEU B 25 -19.80 2.05 -21.55
CA LEU B 25 -20.63 2.94 -20.74
C LEU B 25 -20.06 4.33 -20.87
N ARG B 26 -20.85 5.25 -21.43
CA ARG B 26 -20.43 6.63 -21.58
C ARG B 26 -20.84 7.39 -20.31
N LEU B 27 -19.90 7.55 -19.39
CA LEU B 27 -20.11 8.11 -18.06
C LEU B 27 -19.38 9.44 -17.93
N PRO B 28 -19.82 10.31 -17.00
CA PRO B 28 -19.27 11.68 -16.98
C PRO B 28 -17.78 11.74 -16.70
N HIS B 29 -17.18 10.73 -16.08
CA HIS B 29 -15.73 10.73 -15.87
C HIS B 29 -15.04 9.70 -16.75
N GLY B 30 -15.64 9.40 -17.90
CA GLY B 30 -14.93 8.67 -18.93
C GLY B 30 -15.71 7.45 -19.39
N THR B 31 -15.39 6.94 -20.58
CA THR B 31 -16.07 5.77 -21.12
C THR B 31 -15.46 4.51 -20.52
N VAL B 32 -16.32 3.59 -20.08
CA VAL B 32 -15.90 2.34 -19.43
C VAL B 32 -16.26 1.17 -20.35
N ALA B 33 -15.26 0.38 -20.72
CA ALA B 33 -15.50 -0.87 -21.46
C ALA B 33 -16.15 -1.91 -20.56
N THR B 34 -17.17 -2.58 -21.11
CA THR B 34 -17.84 -3.66 -20.38
C THR B 34 -17.65 -4.98 -21.12
N PRO B 35 -17.72 -6.14 -20.42
CA PRO B 35 -18.04 -6.33 -19.01
C PRO B 35 -16.91 -5.83 -18.13
N VAL B 36 -17.23 -5.38 -16.92
CA VAL B 36 -16.29 -4.65 -16.09
C VAL B 36 -16.41 -5.12 -14.65
N PHE B 37 -15.28 -5.30 -13.98
CA PHE B 37 -15.28 -5.58 -12.56
C PHE B 37 -14.95 -4.30 -11.82
N MET B 38 -15.74 -3.98 -10.79
CA MET B 38 -15.63 -2.70 -10.12
C MET B 38 -15.15 -2.91 -8.68
N PRO B 39 -13.87 -2.70 -8.38
CA PRO B 39 -13.40 -2.88 -7.00
C PRO B 39 -13.96 -1.79 -6.10
N VAL B 40 -13.95 -2.04 -4.80
CA VAL B 40 -14.35 -1.03 -3.82
C VAL B 40 -13.13 -0.13 -3.57
N GLY B 41 -13.29 1.18 -3.84
CA GLY B 41 -12.13 2.06 -3.80
C GLY B 41 -11.45 2.07 -2.44
N THR B 42 -12.26 2.06 -1.38
CA THR B 42 -11.76 2.02 -0.02
C THR B 42 -11.08 0.71 0.34
N GLN B 43 -11.37 -0.37 -0.37
CA GLN B 43 -10.57 -1.56 -0.12
C GLN B 43 -9.13 -1.32 -0.54
N ALA B 44 -8.94 -0.68 -1.70
CA ALA B 44 -7.59 -0.43 -2.18
C ALA B 44 -6.85 0.57 -1.30
N THR B 45 -7.50 1.69 -0.95
CA THR B 45 -6.81 2.71 -0.16
C THR B 45 -6.57 2.24 1.28
N MET B 46 -7.49 1.46 1.85
CA MET B 46 -7.22 0.84 3.16
C MET B 46 -5.95 0.00 3.13
N LYS B 47 -5.59 -0.56 1.97
CA LYS B 47 -4.37 -1.34 1.84
C LYS B 47 -3.22 -0.52 1.25
N GLY B 48 -3.37 0.80 1.18
CA GLY B 48 -2.27 1.64 0.80
C GLY B 48 -2.09 1.79 -0.70
N ILE B 49 -3.11 1.50 -1.48
CA ILE B 49 -3.04 1.63 -2.93
C ILE B 49 -3.45 3.05 -3.31
N THR B 50 -2.60 3.72 -4.07
CA THR B 50 -2.86 5.09 -4.47
C THR B 50 -3.77 5.14 -5.71
N THR B 51 -4.33 6.34 -5.94
CA THR B 51 -5.02 6.64 -7.20
C THR B 51 -4.18 6.28 -8.41
N GLU B 52 -2.91 6.71 -8.44
CA GLU B 52 -2.04 6.36 -9.56
C GLU B 52 -1.94 4.85 -9.72
N GLN B 53 -1.76 4.12 -8.62
CA GLN B 53 -1.60 2.67 -8.75
C GLN B 53 -2.88 2.02 -9.24
N LEU B 54 -4.03 2.45 -8.72
CA LEU B 54 -5.29 1.84 -9.14
C LEU B 54 -5.58 2.16 -10.60
N ASP B 55 -5.35 3.42 -11.01
CA ASP B 55 -5.43 3.76 -12.43
C ASP B 55 -4.49 2.91 -13.27
N SER B 56 -3.26 2.74 -12.80
N SER B 56 -3.26 2.74 -12.79
CA SER B 56 -2.27 1.98 -13.55
CA SER B 56 -2.26 1.97 -13.54
C SER B 56 -2.70 0.54 -13.77
C SER B 56 -2.69 0.53 -13.76
N LEU B 57 -3.43 -0.04 -12.81
CA LEU B 57 -3.93 -1.41 -12.97
C LEU B 57 -5.05 -1.52 -14.00
N GLY B 58 -5.64 -0.39 -14.40
CA GLY B 58 -6.67 -0.37 -15.42
C GLY B 58 -8.06 -0.07 -14.90
N CYS B 59 -8.20 0.23 -13.61
CA CYS B 59 -9.51 0.49 -13.04
C CYS B 59 -10.05 1.83 -13.52
N ARG B 60 -11.26 1.82 -14.05
CA ARG B 60 -11.91 3.02 -14.58
C ARG B 60 -13.21 3.33 -13.88
N ILE B 61 -13.68 2.45 -13.02
CA ILE B 61 -14.83 2.72 -12.17
C ILE B 61 -14.64 1.91 -10.90
N CYS B 62 -14.87 2.53 -9.76
CA CYS B 62 -14.75 1.81 -8.51
C CYS B 62 -15.90 2.25 -7.61
N LEU B 63 -16.12 1.47 -6.56
CA LEU B 63 -17.25 1.68 -5.67
C LEU B 63 -16.86 2.56 -4.50
N GLY B 64 -17.82 3.35 -4.04
CA GLY B 64 -17.74 4.02 -2.75
C GLY B 64 -18.83 3.46 -1.85
N ASN B 65 -18.55 3.31 -0.56
CA ASN B 65 -19.56 2.76 0.35
C ASN B 65 -20.26 3.91 1.07
N THR B 66 -21.52 4.12 0.73
CA THR B 66 -22.24 5.31 1.17
C THR B 66 -22.41 5.37 2.68
N TYR B 67 -22.64 4.22 3.32
CA TYR B 67 -22.85 4.23 4.77
C TYR B 67 -21.58 4.66 5.49
N HIS B 68 -20.45 4.05 5.12
CA HIS B 68 -19.16 4.41 5.71
C HIS B 68 -18.79 5.87 5.41
N LEU B 69 -18.94 6.30 4.15
CA LEU B 69 -18.67 7.70 3.81
C LEU B 69 -19.61 8.64 4.55
N GLY B 70 -20.86 8.21 4.77
CA GLY B 70 -21.80 9.01 5.53
C GLY B 70 -21.43 9.13 6.99
N LEU B 71 -20.64 8.19 7.51
CA LEU B 71 -20.15 8.32 8.87
C LEU B 71 -18.85 9.13 8.92
N ARG B 72 -17.87 8.76 8.10
CA ARG B 72 -16.60 9.48 8.02
C ARG B 72 -16.23 9.58 6.56
N PRO B 73 -16.03 10.80 6.02
CA PRO B 73 -16.04 12.07 6.76
C PRO B 73 -17.42 12.70 6.93
N GLY B 74 -18.46 12.11 6.36
CA GLY B 74 -19.78 12.69 6.42
C GLY B 74 -20.11 13.44 5.15
N PRO B 75 -21.40 13.54 4.82
CA PRO B 75 -21.77 14.14 3.52
C PRO B 75 -21.43 15.61 3.42
N GLU B 76 -21.61 16.36 4.50
CA GLU B 76 -21.33 17.78 4.44
C GLU B 76 -19.87 18.04 4.09
N LEU B 77 -18.95 17.33 4.73
CA LEU B 77 -17.54 17.53 4.45
C LEU B 77 -17.19 17.13 3.02
N ILE B 78 -17.78 16.03 2.53
CA ILE B 78 -17.55 15.68 1.13
C ILE B 78 -18.10 16.75 0.20
N ARG B 79 -19.19 17.40 0.58
CA ARG B 79 -19.67 18.55 -0.18
C ARG B 79 -18.59 19.64 -0.27
N LYS B 80 -18.08 20.08 0.89
CA LYS B 80 -17.07 21.14 0.86
C LYS B 80 -15.83 20.71 0.08
N ALA B 81 -15.53 19.41 0.05
CA ALA B 81 -14.37 18.90 -0.67
C ALA B 81 -14.62 18.76 -2.16
N GLN B 82 -15.76 19.24 -2.68
CA GLN B 82 -16.12 19.12 -4.10
C GLN B 82 -16.44 17.67 -4.50
N GLY B 83 -17.21 16.99 -3.66
CA GLY B 83 -17.64 15.67 -4.01
C GLY B 83 -16.57 14.63 -3.73
N LEU B 84 -16.95 13.38 -3.93
CA LEU B 84 -16.06 12.25 -3.68
C LEU B 84 -14.86 12.27 -4.62
N HIS B 85 -15.06 12.66 -5.89
CA HIS B 85 -13.94 12.72 -6.82
C HIS B 85 -12.85 13.65 -6.30
N GLY B 86 -13.24 14.85 -5.85
CA GLY B 86 -12.27 15.79 -5.33
C GLY B 86 -11.70 15.37 -3.99
N PHE B 87 -12.55 14.86 -3.10
CA PHE B 87 -12.09 14.47 -1.77
C PHE B 87 -10.94 13.48 -1.87
N MET B 88 -11.10 12.43 -2.66
CA MET B 88 -10.08 11.38 -2.73
C MET B 88 -9.14 11.54 -3.91
N ASN B 89 -9.34 12.57 -4.72
CA ASN B 89 -8.51 12.83 -5.91
C ASN B 89 -8.54 11.65 -6.87
N TRP B 90 -9.76 11.20 -7.16
CA TRP B 90 -10.01 10.13 -8.09
C TRP B 90 -10.62 10.73 -9.34
N PRO B 91 -9.96 10.63 -10.49
CA PRO B 91 -10.49 11.24 -11.72
C PRO B 91 -11.41 10.35 -12.55
N HIS B 92 -11.55 9.07 -12.24
CA HIS B 92 -12.38 8.21 -13.08
C HIS B 92 -13.77 8.10 -12.45
N ASN B 93 -14.51 7.05 -12.81
CA ASN B 93 -15.90 6.97 -12.41
C ASN B 93 -16.04 6.34 -11.04
N LEU B 94 -17.15 6.71 -10.38
CA LEU B 94 -17.50 6.22 -9.05
C LEU B 94 -18.95 5.74 -9.07
N LEU B 95 -19.20 4.64 -8.38
CA LEU B 95 -20.54 4.13 -8.19
C LEU B 95 -20.76 3.99 -6.68
N THR B 96 -21.83 4.62 -6.18
CA THR B 96 -22.18 4.58 -4.77
C THR B 96 -23.52 3.89 -4.61
N ASP B 97 -23.71 3.24 -3.47
CA ASP B 97 -24.94 2.52 -3.17
C ASP B 97 -25.87 3.44 -2.38
N SER B 98 -27.03 2.90 -1.98
CA SER B 98 -28.06 3.74 -1.39
C SER B 98 -27.79 4.09 0.06
N GLY B 99 -26.88 3.40 0.73
CA GLY B 99 -26.54 3.73 2.09
C GLY B 99 -27.39 3.05 3.16
N GLY B 100 -28.27 2.15 2.77
CA GLY B 100 -29.20 1.54 3.71
C GLY B 100 -28.87 0.09 4.03
N PHE B 101 -27.96 -0.52 3.30
CA PHE B 101 -27.72 -1.96 3.45
C PHE B 101 -26.23 -2.33 3.51
N GLN B 102 -25.49 -1.98 2.45
CA GLN B 102 -24.12 -2.47 2.30
C GLN B 102 -23.24 -2.01 3.45
N MET B 103 -22.61 -2.97 4.12
N MET B 103 -22.62 -2.97 4.13
CA MET B 103 -21.72 -2.76 5.26
CA MET B 103 -21.72 -2.75 5.26
C MET B 103 -22.44 -2.25 6.50
C MET B 103 -22.44 -2.23 6.50
N VAL B 104 -23.77 -2.31 6.54
CA VAL B 104 -24.53 -1.90 7.73
C VAL B 104 -24.79 -3.14 8.59
N SER B 105 -24.33 -3.11 9.83
CA SER B 105 -24.54 -4.23 10.73
C SER B 105 -26.03 -4.37 11.06
N LEU B 106 -26.49 -5.62 11.16
CA LEU B 106 -27.88 -5.82 11.58
C LEU B 106 -28.13 -5.26 12.97
N PHE B 107 -27.10 -5.23 13.83
CA PHE B 107 -27.30 -4.62 15.14
C PHE B 107 -27.61 -3.13 15.05
N SER B 108 -27.28 -2.48 13.93
CA SER B 108 -27.49 -1.05 13.74
C SER B 108 -28.82 -0.71 13.07
N LEU B 109 -29.65 -1.68 12.71
CA LEU B 109 -30.88 -1.45 11.96
C LEU B 109 -32.11 -1.79 12.77
N SER B 110 -33.11 -0.89 12.76
CA SER B 110 -34.44 -1.22 13.22
C SER B 110 -35.27 -1.68 12.03
N GLU B 111 -36.54 -2.03 12.27
CA GLU B 111 -37.35 -2.57 11.19
C GLU B 111 -37.62 -1.49 10.13
N VAL B 112 -37.69 -1.93 8.87
CA VAL B 112 -37.98 -1.02 7.76
C VAL B 112 -39.45 -0.59 7.84
N THR B 113 -39.71 0.69 7.56
CA THR B 113 -41.08 1.13 7.35
C THR B 113 -41.21 1.77 5.97
N GLU B 114 -42.43 2.21 5.63
CA GLU B 114 -42.62 2.85 4.33
C GLU B 114 -41.76 4.12 4.21
N GLU B 115 -41.50 4.81 5.33
CA GLU B 115 -40.72 6.05 5.29
C GLU B 115 -39.29 5.81 4.86
N GLY B 116 -38.71 4.67 5.20
CA GLY B 116 -37.33 4.40 4.83
C GLY B 116 -36.68 3.42 5.78
N VAL B 117 -35.35 3.41 5.72
CA VAL B 117 -34.53 2.59 6.62
C VAL B 117 -34.32 3.34 7.93
N HIS B 118 -34.21 2.59 9.04
CA HIS B 118 -34.04 3.20 10.36
C HIS B 118 -32.77 2.67 11.00
N PHE B 119 -31.88 3.59 11.36
CA PHE B 119 -30.63 3.26 12.05
C PHE B 119 -30.80 3.44 13.56
N ARG B 120 -30.20 2.54 14.31
CA ARG B 120 -30.17 2.60 15.77
C ARG B 120 -28.84 3.20 16.21
N SER B 121 -28.88 4.00 17.27
CA SER B 121 -27.65 4.50 17.85
C SER B 121 -27.37 3.77 19.14
N PRO B 122 -26.11 3.71 19.58
CA PRO B 122 -25.74 2.85 20.71
C PRO B 122 -26.45 3.21 22.02
N TYR B 123 -26.74 2.17 22.79
CA TYR B 123 -27.16 2.27 24.19
C TYR B 123 -28.50 3.00 24.36
N ASP B 124 -29.49 2.58 23.56
CA ASP B 124 -30.86 3.10 23.62
C ASP B 124 -30.96 4.57 23.19
N GLY B 125 -30.02 5.04 22.38
CA GLY B 125 -30.10 6.39 21.84
C GLY B 125 -31.19 6.52 20.79
N GLU B 126 -31.32 7.72 20.25
CA GLU B 126 -32.41 7.97 19.32
C GLU B 126 -32.09 7.44 17.92
N GLU B 127 -33.13 7.06 17.20
CA GLU B 127 -32.97 6.50 15.88
C GLU B 127 -32.85 7.59 14.81
N THR B 128 -32.29 7.19 13.66
N THR B 128 -32.28 7.21 13.67
CA THR B 128 -32.10 8.03 12.48
CA THR B 128 -32.20 8.09 12.52
C THR B 128 -32.82 7.40 11.29
C THR B 128 -32.84 7.42 11.30
N LEU B 129 -33.57 8.20 10.54
CA LEU B 129 -34.26 7.75 9.33
C LEU B 129 -33.43 8.04 8.08
N LEU B 130 -33.37 7.07 7.18
CA LEU B 130 -32.86 7.26 5.81
C LEU B 130 -34.01 6.96 4.84
N SER B 131 -34.65 8.01 4.36
CA SER B 131 -35.68 7.89 3.35
C SER B 131 -35.06 7.74 1.95
N PRO B 132 -35.85 7.26 0.97
CA PRO B 132 -35.36 7.29 -0.41
C PRO B 132 -34.92 8.69 -0.84
N GLU B 133 -35.66 9.72 -0.44
CA GLU B 133 -35.29 11.08 -0.84
C GLU B 133 -33.95 11.48 -0.23
N ARG B 134 -33.71 11.12 1.02
N ARG B 134 -33.72 11.13 1.03
CA ARG B 134 -32.45 11.48 1.66
CA ARG B 134 -32.45 11.47 1.67
C ARG B 134 -31.29 10.66 1.11
C ARG B 134 -31.30 10.68 1.05
N SER B 135 -31.55 9.42 0.67
CA SER B 135 -30.52 8.61 0.04
C SER B 135 -30.04 9.25 -1.27
N VAL B 136 -30.96 9.69 -2.10
CA VAL B 136 -30.59 10.36 -3.35
C VAL B 136 -29.83 11.66 -3.06
N GLU B 137 -30.29 12.43 -2.06
CA GLU B 137 -29.62 13.68 -1.72
C GLU B 137 -28.19 13.43 -1.23
N ILE B 138 -27.99 12.38 -0.44
CA ILE B 138 -26.63 12.04 -0.02
C ILE B 138 -25.79 11.68 -1.23
N GLN B 139 -26.34 10.91 -2.15
CA GLN B 139 -25.53 10.49 -3.30
C GLN B 139 -25.35 11.62 -4.29
N ASN B 140 -26.29 12.57 -4.35
CA ASN B 140 -26.04 13.81 -5.10
C ASN B 140 -24.82 14.54 -4.54
N ALA B 141 -24.70 14.61 -3.21
CA ALA B 141 -23.56 15.30 -2.60
C ALA B 141 -22.24 14.55 -2.84
N LEU B 142 -22.28 13.21 -2.87
CA LEU B 142 -21.07 12.45 -3.18
C LEU B 142 -20.66 12.67 -4.63
N GLY B 143 -21.63 12.90 -5.52
CA GLY B 143 -21.27 13.28 -6.87
C GLY B 143 -20.77 12.12 -7.70
N SER B 144 -21.09 10.91 -7.29
CA SER B 144 -20.69 9.72 -8.05
C SER B 144 -21.41 9.71 -9.39
N ASP B 145 -20.85 8.95 -10.32
CA ASP B 145 -21.35 8.89 -11.69
C ASP B 145 -22.56 7.99 -11.83
N ILE B 146 -22.63 6.93 -11.01
CA ILE B 146 -23.79 6.04 -10.93
C ILE B 146 -24.23 6.02 -9.48
N ILE B 147 -25.53 6.20 -9.25
CA ILE B 147 -26.12 6.11 -7.94
C ILE B 147 -27.18 5.02 -7.95
N MET B 148 -27.40 4.37 -6.81
CA MET B 148 -28.31 3.22 -6.70
C MET B 148 -29.57 3.62 -5.93
N GLN B 149 -30.71 3.10 -6.36
CA GLN B 149 -31.94 3.35 -5.62
C GLN B 149 -31.81 2.79 -4.20
N LEU B 150 -32.57 3.36 -3.28
CA LEU B 150 -32.76 2.73 -1.99
C LEU B 150 -33.73 1.56 -2.17
N ASP B 151 -33.32 0.36 -1.78
CA ASP B 151 -34.16 -0.81 -1.85
C ASP B 151 -34.37 -1.39 -0.46
N HIS B 152 -35.39 -2.25 -0.34
CA HIS B 152 -35.64 -3.00 0.89
C HIS B 152 -35.02 -4.37 0.66
N VAL B 153 -33.85 -4.59 1.27
CA VAL B 153 -33.08 -5.80 1.05
C VAL B 153 -33.44 -6.83 2.11
N VAL B 154 -33.73 -8.05 1.67
CA VAL B 154 -33.90 -9.19 2.56
C VAL B 154 -32.98 -10.31 2.07
N SER B 155 -32.48 -11.09 3.02
CA SER B 155 -31.56 -12.18 2.70
C SER B 155 -32.16 -13.16 1.69
N SER B 156 -31.30 -13.70 0.83
N SER B 156 -31.31 -13.71 0.83
CA SER B 156 -31.72 -14.63 -0.20
CA SER B 156 -31.78 -14.62 -0.21
C SER B 156 -32.43 -15.87 0.37
C SER B 156 -32.41 -15.89 0.36
N THR B 157 -32.16 -16.21 1.63
CA THR B 157 -32.69 -17.42 2.22
C THR B 157 -33.84 -17.15 3.17
N VAL B 158 -34.35 -15.93 3.21
CA VAL B 158 -35.60 -15.63 3.91
C VAL B 158 -36.78 -16.08 3.04
N THR B 159 -37.82 -16.58 3.69
CA THR B 159 -39.05 -16.98 3.02
C THR B 159 -40.23 -16.33 3.73
N GLY B 160 -41.42 -16.55 3.19
CA GLY B 160 -42.62 -15.97 3.76
C GLY B 160 -42.99 -14.67 3.09
N PRO B 161 -44.05 -14.03 3.59
CA PRO B 161 -44.56 -12.81 2.93
C PRO B 161 -43.58 -11.66 2.84
N LEU B 162 -42.56 -11.63 3.70
CA LEU B 162 -41.63 -10.52 3.71
C LEU B 162 -40.96 -10.33 2.35
N VAL B 163 -40.71 -11.42 1.62
CA VAL B 163 -40.03 -11.32 0.34
C VAL B 163 -40.85 -10.48 -0.63
N GLU B 164 -42.13 -10.79 -0.76
CA GLU B 164 -43.01 -10.03 -1.64
C GLU B 164 -43.17 -8.60 -1.15
N GLU B 165 -43.33 -8.43 0.17
CA GLU B 165 -43.45 -7.11 0.78
C GLU B 165 -42.26 -6.22 0.44
N ALA B 166 -41.05 -6.74 0.66
CA ALA B 166 -39.85 -5.97 0.37
C ALA B 166 -39.72 -5.69 -1.11
N MET B 167 -40.09 -6.67 -1.96
CA MET B 167 -40.01 -6.45 -3.40
C MET B 167 -40.89 -5.28 -3.82
N HIS B 168 -42.14 -5.24 -3.32
CA HIS B 168 -43.03 -4.16 -3.75
C HIS B 168 -42.60 -2.83 -3.16
N ARG B 169 -42.11 -2.81 -1.93
CA ARG B 169 -41.61 -1.58 -1.36
C ARG B 169 -40.43 -1.06 -2.18
N SER B 170 -39.59 -1.98 -2.67
CA SER B 170 -38.48 -1.59 -3.53
C SER B 170 -38.99 -0.90 -4.79
N VAL B 171 -40.09 -1.38 -5.36
CA VAL B 171 -40.66 -0.67 -6.52
C VAL B 171 -41.09 0.74 -6.12
N ARG B 172 -41.79 0.87 -4.97
CA ARG B 172 -42.26 2.18 -4.55
C ARG B 172 -41.10 3.11 -4.24
N TRP B 173 -40.05 2.58 -3.59
CA TRP B 173 -38.89 3.41 -3.29
C TRP B 173 -38.13 3.78 -4.57
N LEU B 174 -38.18 2.92 -5.58
CA LEU B 174 -37.64 3.27 -6.89
C LEU B 174 -38.28 4.55 -7.41
N ASP B 175 -39.62 4.57 -7.47
CA ASP B 175 -40.33 5.75 -7.95
C ASP B 175 -39.99 6.98 -7.14
N ARG B 176 -39.84 6.83 -5.83
CA ARG B 176 -39.52 7.99 -5.02
C ARG B 176 -38.09 8.46 -5.28
N CYS B 177 -37.17 7.52 -5.51
CA CYS B 177 -35.80 7.92 -5.87
C CYS B 177 -35.78 8.62 -7.21
N ILE B 178 -36.59 8.16 -8.18
CA ILE B 178 -36.63 8.82 -9.48
C ILE B 178 -37.13 10.25 -9.34
N ALA B 179 -38.19 10.44 -8.55
CA ALA B 179 -38.74 11.78 -8.37
C ALA B 179 -37.76 12.70 -7.63
N ALA B 180 -36.97 12.14 -6.71
CA ALA B 180 -36.03 12.95 -5.95
C ALA B 180 -34.77 13.33 -6.75
N HIS B 181 -34.43 12.55 -7.78
CA HIS B 181 -33.18 12.70 -8.54
C HIS B 181 -33.41 13.75 -9.62
N LYS B 182 -33.10 15.00 -9.30
CA LYS B 182 -33.44 16.13 -10.17
C LYS B 182 -32.43 16.36 -11.29
N HIS B 183 -31.29 15.68 -11.29
CA HIS B 183 -30.22 15.94 -12.25
C HIS B 183 -29.73 14.63 -12.88
N PRO B 184 -30.58 13.97 -13.67
CA PRO B 184 -30.10 12.78 -14.40
C PRO B 184 -29.10 13.11 -15.49
N ASP B 185 -28.89 14.40 -15.81
CA ASP B 185 -27.82 14.77 -16.73
C ASP B 185 -26.45 14.69 -16.07
N LYS B 186 -26.40 14.50 -14.76
CA LYS B 186 -25.14 14.46 -14.03
C LYS B 186 -24.83 13.11 -13.40
N GLN B 187 -25.84 12.37 -12.94
CA GLN B 187 -25.63 11.08 -12.33
C GLN B 187 -26.67 10.11 -12.88
N ASN B 188 -26.28 8.84 -12.97
CA ASN B 188 -27.15 7.79 -13.52
C ASN B 188 -27.70 6.94 -12.39
N LEU B 189 -29.02 6.98 -12.21
CA LEU B 189 -29.71 6.21 -11.18
C LEU B 189 -30.06 4.82 -11.70
N PHE B 190 -29.65 3.79 -10.96
CA PHE B 190 -29.94 2.40 -11.32
C PHE B 190 -31.01 1.84 -10.39
N ALA B 191 -31.98 1.11 -10.96
CA ALA B 191 -32.90 0.30 -10.17
C ALA B 191 -32.23 -1.02 -9.77
N ILE B 192 -32.79 -1.66 -8.75
CA ILE B 192 -32.29 -2.93 -8.23
C ILE B 192 -33.44 -3.94 -8.21
N ILE B 193 -33.35 -4.97 -9.05
CA ILE B 193 -34.33 -6.04 -9.07
C ILE B 193 -34.26 -6.83 -7.78
N GLN B 194 -35.43 -7.04 -7.14
CA GLN B 194 -35.50 -7.91 -5.98
C GLN B 194 -36.44 -9.08 -6.27
N GLY B 195 -37.08 -9.62 -5.23
CA GLY B 195 -37.96 -10.78 -5.37
C GLY B 195 -37.36 -12.11 -4.96
N GLY B 196 -36.17 -12.10 -4.37
CA GLY B 196 -35.59 -13.30 -3.79
C GLY B 196 -35.31 -14.39 -4.80
N LEU B 197 -35.57 -15.62 -4.39
CA LEU B 197 -35.47 -16.80 -5.22
C LEU B 197 -36.82 -17.21 -5.78
N ASN B 198 -37.85 -16.41 -5.51
CA ASN B 198 -39.19 -16.66 -5.98
C ASN B 198 -39.32 -16.17 -7.42
N ALA B 199 -39.45 -17.13 -8.36
CA ALA B 199 -39.46 -16.75 -9.77
C ALA B 199 -40.61 -15.82 -10.11
N ASP B 200 -41.78 -16.04 -9.50
CA ASP B 200 -42.92 -15.17 -9.77
C ASP B 200 -42.69 -13.77 -9.24
N LEU B 201 -42.14 -13.65 -8.03
CA LEU B 201 -41.89 -12.33 -7.46
C LEU B 201 -40.82 -11.58 -8.24
N ARG B 202 -39.74 -12.28 -8.59
CA ARG B 202 -38.68 -11.61 -9.35
C ARG B 202 -39.18 -11.24 -10.74
N THR B 203 -39.92 -12.15 -11.38
CA THR B 203 -40.58 -11.84 -12.65
C THR B 203 -41.43 -10.57 -12.54
N THR B 204 -42.30 -10.51 -11.52
CA THR B 204 -43.08 -9.29 -11.29
C THR B 204 -42.16 -8.09 -11.09
N CYS B 205 -41.11 -8.23 -10.28
CA CYS B 205 -40.24 -7.06 -10.06
C CYS B 205 -39.56 -6.62 -11.36
N LEU B 206 -39.20 -7.59 -12.20
CA LEU B 206 -38.58 -7.25 -13.49
C LEU B 206 -39.57 -6.55 -14.39
N LYS B 207 -40.77 -7.11 -14.51
CA LYS B 207 -41.79 -6.51 -15.37
C LYS B 207 -42.10 -5.08 -14.93
N GLU B 208 -42.25 -4.87 -13.62
CA GLU B 208 -42.65 -3.55 -13.15
C GLU B 208 -41.49 -2.55 -13.15
N MET B 209 -40.30 -2.93 -12.70
CA MET B 209 -39.22 -1.94 -12.66
C MET B 209 -38.76 -1.52 -14.05
N THR B 210 -38.83 -2.40 -15.06
CA THR B 210 -38.39 -1.97 -16.37
C THR B 210 -39.38 -1.02 -17.04
N LYS B 211 -40.56 -0.79 -16.43
CA LYS B 211 -41.45 0.27 -16.87
C LYS B 211 -40.95 1.65 -16.48
N ARG B 212 -40.02 1.73 -15.53
CA ARG B 212 -39.40 2.98 -15.16
C ARG B 212 -38.19 3.20 -16.09
N ASP B 213 -38.08 4.40 -16.66
CA ASP B 213 -37.01 4.69 -17.62
C ASP B 213 -35.80 5.23 -16.86
N VAL B 214 -35.09 4.32 -16.18
CA VAL B 214 -33.83 4.63 -15.53
C VAL B 214 -32.72 4.17 -16.46
N PRO B 215 -31.51 4.75 -16.36
CA PRO B 215 -30.46 4.41 -17.34
C PRO B 215 -29.88 3.00 -17.17
N GLY B 216 -30.08 2.32 -16.05
CA GLY B 216 -29.49 1.01 -15.89
C GLY B 216 -30.20 0.22 -14.80
N PHE B 217 -29.92 -1.09 -14.79
CA PHE B 217 -30.60 -2.01 -13.89
C PHE B 217 -29.59 -2.92 -13.22
N ALA B 218 -29.71 -3.03 -11.90
CA ALA B 218 -28.92 -3.95 -11.13
C ALA B 218 -29.78 -5.13 -10.69
N ILE B 219 -29.12 -6.24 -10.40
CA ILE B 219 -29.76 -7.49 -10.00
C ILE B 219 -29.41 -7.72 -8.54
N GLY B 220 -30.37 -7.49 -7.65
CA GLY B 220 -30.12 -7.61 -6.22
C GLY B 220 -30.66 -8.91 -5.65
N GLY B 221 -30.43 -9.08 -4.34
CA GLY B 221 -31.02 -10.14 -3.57
C GLY B 221 -30.35 -11.50 -3.70
N LEU B 222 -29.37 -11.64 -4.58
CA LEU B 222 -28.73 -12.93 -4.78
C LEU B 222 -27.40 -12.96 -4.02
N SER B 223 -26.67 -14.07 -4.17
CA SER B 223 -25.37 -14.23 -3.52
C SER B 223 -25.46 -14.09 -2.02
N GLY B 224 -26.49 -14.69 -1.42
CA GLY B 224 -26.65 -14.59 0.01
C GLY B 224 -26.78 -15.93 0.69
N GLY B 225 -26.22 -16.97 0.10
CA GLY B 225 -26.28 -18.32 0.66
C GLY B 225 -27.20 -19.28 -0.06
N GLU B 226 -27.88 -18.86 -1.12
CA GLU B 226 -28.73 -19.78 -1.86
C GLU B 226 -27.88 -20.84 -2.56
N SER B 227 -28.55 -21.88 -3.03
CA SER B 227 -27.87 -22.90 -3.83
C SER B 227 -27.39 -22.30 -5.14
N LYS B 228 -26.37 -22.93 -5.73
CA LYS B 228 -25.91 -22.46 -7.04
C LYS B 228 -26.95 -22.70 -8.12
N ALA B 229 -27.68 -23.82 -8.01
CA ALA B 229 -28.78 -24.10 -8.92
C ALA B 229 -29.74 -22.92 -9.00
N GLN B 230 -30.12 -22.38 -7.84
CA GLN B 230 -31.07 -21.27 -7.81
C GLN B 230 -30.41 -19.97 -8.22
N PHE B 231 -29.16 -19.76 -7.81
CA PHE B 231 -28.43 -18.54 -8.13
C PHE B 231 -28.44 -18.27 -9.63
N TRP B 232 -27.95 -19.22 -10.42
CA TRP B 232 -27.77 -18.91 -11.84
C TRP B 232 -29.10 -18.78 -12.56
N LYS B 233 -30.12 -19.53 -12.12
CA LYS B 233 -31.43 -19.43 -12.74
C LYS B 233 -32.07 -18.08 -12.46
N MET B 234 -31.87 -17.54 -11.26
CA MET B 234 -32.35 -16.19 -10.99
C MET B 234 -31.58 -15.15 -11.82
N VAL B 235 -30.27 -15.33 -11.99
CA VAL B 235 -29.51 -14.39 -12.84
C VAL B 235 -30.02 -14.46 -14.26
N ALA B 236 -30.23 -15.67 -14.78
CA ALA B 236 -30.70 -15.83 -16.15
C ALA B 236 -32.13 -15.34 -16.32
N LEU B 237 -32.99 -15.57 -15.31
CA LEU B 237 -34.33 -14.98 -15.36
C LEU B 237 -34.23 -13.47 -15.48
N SER B 238 -33.37 -12.85 -14.68
CA SER B 238 -33.22 -11.40 -14.69
C SER B 238 -32.75 -10.89 -16.05
N THR B 239 -31.66 -11.45 -16.58
CA THR B 239 -31.16 -10.96 -17.86
C THR B 239 -32.12 -11.23 -19.01
N SER B 240 -33.00 -12.24 -18.87
CA SER B 240 -33.98 -12.52 -19.93
C SER B 240 -35.03 -11.41 -20.04
N MET B 241 -35.23 -10.63 -18.98
CA MET B 241 -36.25 -9.59 -18.96
C MET B 241 -35.71 -8.17 -18.82
N LEU B 242 -34.42 -7.97 -18.48
CA LEU B 242 -33.87 -6.61 -18.46
C LEU B 242 -33.58 -6.12 -19.87
N PRO B 243 -33.78 -4.83 -20.14
CA PRO B 243 -33.57 -4.32 -21.50
C PRO B 243 -32.16 -4.66 -22.00
N LYS B 244 -32.08 -5.10 -23.25
CA LYS B 244 -30.78 -5.39 -23.85
C LYS B 244 -29.96 -4.13 -24.04
N ASP B 245 -30.60 -2.98 -24.29
CA ASP B 245 -29.91 -1.74 -24.64
C ASP B 245 -29.53 -0.92 -23.41
N LYS B 246 -29.64 -1.48 -22.22
CA LYS B 246 -29.18 -0.86 -20.99
C LYS B 246 -28.30 -1.84 -20.24
N PRO B 247 -27.45 -1.36 -19.33
CA PRO B 247 -26.56 -2.27 -18.59
C PRO B 247 -27.27 -3.14 -17.56
N ARG B 248 -26.69 -4.32 -17.32
CA ARG B 248 -27.09 -5.25 -16.28
C ARG B 248 -25.95 -5.38 -15.27
N TYR B 249 -26.18 -4.95 -14.04
CA TYR B 249 -25.19 -4.92 -12.97
C TYR B 249 -25.57 -5.99 -11.94
N LEU B 250 -24.74 -7.02 -11.82
CA LEU B 250 -24.96 -8.10 -10.86
C LEU B 250 -24.17 -7.79 -9.60
N MET B 251 -24.87 -7.59 -8.49
CA MET B 251 -24.23 -7.16 -7.26
C MET B 251 -23.73 -8.37 -6.49
N GLY B 252 -22.52 -8.26 -5.96
CA GLY B 252 -22.04 -9.24 -5.00
C GLY B 252 -21.60 -10.54 -5.59
N VAL B 253 -21.08 -10.51 -6.82
CA VAL B 253 -20.54 -11.68 -7.51
C VAL B 253 -19.13 -11.35 -7.98
N GLY B 254 -18.13 -12.07 -7.46
CA GLY B 254 -16.75 -11.76 -7.79
C GLY B 254 -15.85 -12.96 -7.97
N TYR B 255 -16.31 -14.14 -7.54
CA TYR B 255 -15.60 -15.38 -7.82
C TYR B 255 -15.40 -15.51 -9.32
N ALA B 256 -14.19 -15.91 -9.73
CA ALA B 256 -13.84 -15.89 -11.15
C ALA B 256 -14.83 -16.75 -11.96
N THR B 257 -15.06 -17.99 -11.53
CA THR B 257 -15.98 -18.86 -12.27
C THR B 257 -17.37 -18.25 -12.36
N ASP B 258 -17.87 -17.70 -11.25
CA ASP B 258 -19.18 -17.05 -11.29
C ASP B 258 -19.20 -15.89 -12.28
N LEU B 259 -18.15 -15.08 -12.28
CA LEU B 259 -18.03 -13.96 -13.20
C LEU B 259 -18.16 -14.42 -14.66
N VAL B 260 -17.35 -15.40 -15.04
CA VAL B 260 -17.35 -15.85 -16.43
C VAL B 260 -18.71 -16.40 -16.82
N VAL B 261 -19.33 -17.17 -15.94
CA VAL B 261 -20.64 -17.73 -16.24
C VAL B 261 -21.68 -16.61 -16.37
N CYS B 262 -21.65 -15.64 -15.45
CA CYS B 262 -22.66 -14.58 -15.49
C CYS B 262 -22.44 -13.63 -16.67
N VAL B 263 -21.20 -13.41 -17.10
CA VAL B 263 -21.02 -12.73 -18.39
C VAL B 263 -21.74 -13.49 -19.48
N ALA B 264 -21.62 -14.82 -19.48
CA ALA B 264 -22.25 -15.62 -20.52
C ALA B 264 -23.77 -15.56 -20.44
N LEU B 265 -24.31 -15.23 -19.27
CA LEU B 265 -25.75 -15.08 -19.12
C LEU B 265 -26.24 -13.68 -19.42
N GLY B 266 -25.34 -12.75 -19.74
CA GLY B 266 -25.71 -11.41 -20.15
C GLY B 266 -25.49 -10.28 -19.16
N CYS B 267 -24.66 -10.47 -18.14
CA CYS B 267 -24.39 -9.40 -17.20
C CYS B 267 -23.21 -8.55 -17.67
N ASP B 268 -23.21 -7.29 -17.29
CA ASP B 268 -22.24 -6.30 -17.78
C ASP B 268 -21.32 -5.74 -16.71
N MET B 269 -21.78 -5.64 -15.47
CA MET B 269 -21.03 -5.01 -14.39
C MET B 269 -21.09 -5.89 -13.16
N PHE B 270 -19.98 -5.91 -12.41
CA PHE B 270 -19.86 -6.77 -11.24
C PHE B 270 -19.10 -6.04 -10.15
N ASP B 271 -19.45 -6.34 -8.91
CA ASP B 271 -18.68 -5.95 -7.74
C ASP B 271 -18.57 -7.15 -6.81
N CYS B 272 -17.53 -7.18 -5.97
CA CYS B 272 -17.52 -8.11 -4.84
C CYS B 272 -16.45 -7.71 -3.84
N VAL B 273 -16.76 -7.87 -2.55
CA VAL B 273 -15.80 -7.70 -1.47
C VAL B 273 -14.90 -8.92 -1.38
N ARG B 277 -10.76 -9.48 -0.59
CA ARG B 277 -10.68 -9.71 0.84
C ARG B 277 -9.88 -10.98 1.16
N THR B 278 -9.59 -11.78 0.12
CA THR B 278 -8.85 -13.01 0.33
C THR B 278 -7.38 -12.75 0.64
N ALA B 279 -6.87 -11.58 0.30
CA ALA B 279 -5.45 -11.27 0.54
C ALA B 279 -5.10 -11.35 2.02
N ARG B 280 -6.07 -11.12 2.91
CA ARG B 280 -5.78 -11.17 4.33
C ARG B 280 -5.38 -12.56 4.79
N PHE B 281 -5.88 -13.60 4.12
CA PHE B 281 -5.48 -14.97 4.43
C PHE B 281 -4.19 -15.38 3.74
N GLY B 282 -3.59 -14.50 2.96
CA GLY B 282 -2.39 -14.83 2.21
C GLY B 282 -2.64 -15.45 0.85
N SER B 283 -3.87 -15.41 0.35
CA SER B 283 -4.22 -16.07 -0.90
C SER B 283 -3.97 -15.14 -2.07
N ALA B 284 -3.36 -15.66 -3.13
CA ALA B 284 -3.12 -14.92 -4.36
C ALA B 284 -3.92 -15.57 -5.49
N LEU B 285 -4.74 -14.78 -6.17
CA LEU B 285 -5.58 -15.33 -7.22
C LEU B 285 -4.74 -15.68 -8.45
N VAL B 286 -4.91 -16.89 -8.97
CA VAL B 286 -4.20 -17.37 -10.16
C VAL B 286 -5.17 -18.13 -11.06
N PRO B 287 -4.80 -18.44 -12.31
CA PRO B 287 -5.72 -19.15 -13.22
C PRO B 287 -6.18 -20.53 -12.76
N THR B 288 -5.45 -21.21 -11.88
CA THR B 288 -5.91 -22.47 -11.33
C THR B 288 -6.62 -22.32 -9.99
N GLY B 289 -6.96 -21.09 -9.61
CA GLY B 289 -7.68 -20.87 -8.38
C GLY B 289 -7.00 -19.84 -7.50
N ASN B 290 -6.26 -20.31 -6.50
CA ASN B 290 -5.53 -19.40 -5.65
C ASN B 290 -4.29 -20.11 -5.10
N LEU B 291 -3.30 -19.32 -4.70
CA LEU B 291 -2.12 -19.81 -4.01
C LEU B 291 -2.17 -19.30 -2.58
N GLN B 292 -1.99 -20.20 -1.60
CA GLN B 292 -1.96 -19.84 -0.19
C GLN B 292 -0.50 -19.63 0.20
N LEU B 293 -0.04 -18.39 0.10
CA LEU B 293 1.40 -18.15 0.17
C LEU B 293 1.97 -18.30 1.56
N LYS B 294 1.14 -18.46 2.60
CA LYS B 294 1.68 -18.75 3.92
C LYS B 294 2.15 -20.19 4.06
N LYS B 295 1.79 -21.08 3.13
CA LYS B 295 2.23 -22.47 3.22
C LYS B 295 3.75 -22.57 3.10
N LYS B 296 4.31 -23.52 3.83
CA LYS B 296 5.76 -23.68 3.89
C LYS B 296 6.37 -23.93 2.52
N GLN B 297 5.63 -24.56 1.61
CA GLN B 297 6.16 -24.89 0.29
C GLN B 297 6.59 -23.65 -0.50
N TYR B 298 6.14 -22.45 -0.13
CA TYR B 298 6.52 -21.24 -0.85
C TYR B 298 7.75 -20.56 -0.26
N ALA B 299 8.29 -21.08 0.85
CA ALA B 299 9.36 -20.37 1.56
C ALA B 299 10.58 -20.18 0.68
N LYS B 300 10.87 -21.15 -0.18
CA LYS B 300 12.00 -21.12 -1.10
C LYS B 300 11.54 -21.18 -2.55
N ASP B 301 10.33 -20.69 -2.83
CA ASP B 301 9.81 -20.63 -4.21
C ASP B 301 10.13 -19.24 -4.76
N PHE B 302 11.16 -19.14 -5.58
CA PHE B 302 11.70 -17.87 -6.02
C PHE B 302 11.03 -17.35 -7.30
N SER B 303 9.98 -18.01 -7.78
CA SER B 303 9.26 -17.54 -8.94
C SER B 303 8.16 -16.58 -8.52
N PRO B 304 7.68 -15.73 -9.43
CA PRO B 304 6.59 -14.81 -9.08
C PRO B 304 5.29 -15.57 -8.88
N ILE B 305 4.30 -14.86 -8.31
CA ILE B 305 2.96 -15.45 -8.19
C ILE B 305 2.50 -15.99 -9.53
N ASN B 306 2.63 -15.17 -10.59
CA ASN B 306 2.22 -15.49 -11.95
C ASN B 306 3.13 -14.74 -12.90
N PRO B 307 3.98 -15.44 -13.66
CA PRO B 307 4.92 -14.73 -14.55
C PRO B 307 4.22 -13.92 -15.63
N GLU B 308 2.97 -14.23 -15.95
CA GLU B 308 2.19 -13.53 -16.95
C GLU B 308 1.32 -12.43 -16.37
N CYS B 309 1.37 -12.23 -15.05
CA CYS B 309 0.64 -11.11 -14.47
C CYS B 309 1.47 -9.83 -14.60
N PRO B 310 0.90 -8.75 -15.14
CA PRO B 310 1.65 -7.49 -15.26
C PRO B 310 1.60 -6.60 -14.03
N CYS B 311 0.99 -7.06 -12.93
CA CYS B 311 0.88 -6.23 -11.75
C CYS B 311 2.27 -5.94 -11.16
N PRO B 312 2.39 -4.85 -10.39
CA PRO B 312 3.71 -4.52 -9.82
C PRO B 312 4.24 -5.60 -8.88
N THR B 313 3.37 -6.35 -8.23
CA THR B 313 3.84 -7.41 -7.33
C THR B 313 4.54 -8.51 -8.12
N CYS B 314 3.96 -8.93 -9.24
CA CYS B 314 4.55 -10.03 -9.99
C CYS B 314 5.75 -9.61 -10.83
N GLN B 315 5.85 -8.35 -11.21
CA GLN B 315 7.08 -7.98 -11.90
C GLN B 315 8.22 -7.64 -10.95
N THR B 316 7.96 -7.52 -9.65
CA THR B 316 9.00 -7.15 -8.68
C THR B 316 9.35 -8.25 -7.69
N HIS B 317 8.42 -9.12 -7.31
CA HIS B 317 8.61 -9.95 -6.12
C HIS B 317 8.30 -11.41 -6.36
N SER B 318 9.01 -12.27 -5.60
CA SER B 318 8.87 -13.71 -5.60
C SER B 318 7.86 -14.18 -4.56
N ARG B 319 7.32 -15.37 -4.80
CA ARG B 319 6.56 -16.07 -3.76
C ARG B 319 7.35 -16.15 -2.45
N ALA B 320 8.65 -16.49 -2.54
CA ALA B 320 9.47 -16.62 -1.33
C ALA B 320 9.46 -15.34 -0.51
N PHE B 321 9.63 -14.20 -1.18
CA PHE B 321 9.68 -12.92 -0.50
C PHE B 321 8.31 -12.56 0.08
N LEU B 322 7.25 -12.75 -0.69
CA LEU B 322 5.90 -12.54 -0.15
C LEU B 322 5.65 -13.44 1.05
N HIS B 323 6.08 -14.69 0.97
CA HIS B 323 5.92 -15.61 2.09
C HIS B 323 6.66 -15.10 3.32
N ALA B 324 7.86 -14.54 3.14
CA ALA B 324 8.59 -14.03 4.30
C ALA B 324 7.90 -12.82 4.90
N LEU B 325 7.35 -11.94 4.06
CA LEU B 325 6.70 -10.73 4.55
C LEU B 325 5.38 -11.05 5.23
N LEU B 326 4.63 -12.03 4.73
CA LEU B 326 3.38 -12.40 5.39
C LEU B 326 3.62 -12.70 6.85
N HIS B 327 4.76 -13.30 7.17
CA HIS B 327 5.13 -13.58 8.55
C HIS B 327 5.77 -12.35 9.22
N SER B 328 6.74 -11.72 8.56
CA SER B 328 7.59 -10.72 9.22
C SER B 328 7.04 -9.31 9.13
N ASP B 329 6.36 -8.95 8.04
CA ASP B 329 5.80 -7.60 7.87
C ASP B 329 4.47 -7.78 7.12
N ASN B 330 3.44 -8.18 7.87
CA ASN B 330 2.20 -8.62 7.26
C ASN B 330 1.48 -7.49 6.56
N THR B 331 1.44 -6.31 7.18
CA THR B 331 0.85 -5.13 6.54
C THR B 331 1.39 -4.93 5.13
N THR B 332 2.71 -4.96 4.98
CA THR B 332 3.32 -4.78 3.66
C THR B 332 2.90 -5.89 2.71
N ALA B 333 2.94 -7.16 3.16
CA ALA B 333 2.51 -8.26 2.30
C ALA B 333 1.08 -8.05 1.82
N LEU B 334 0.21 -7.61 2.73
CA LEU B 334 -1.20 -7.45 2.36
C LEU B 334 -1.38 -6.39 1.28
N HIS B 335 -0.55 -5.33 1.29
CA HIS B 335 -0.54 -4.41 0.15
C HIS B 335 -0.21 -5.14 -1.15
N HIS B 336 0.87 -5.92 -1.14
CA HIS B 336 1.34 -6.57 -2.37
C HIS B 336 0.32 -7.57 -2.88
N LEU B 337 -0.29 -8.32 -1.96
CA LEU B 337 -1.29 -9.30 -2.36
C LEU B 337 -2.57 -8.64 -2.86
N THR B 338 -3.00 -7.55 -2.21
CA THR B 338 -4.20 -6.87 -2.66
C THR B 338 -4.00 -6.27 -4.06
N VAL B 339 -2.83 -5.70 -4.33
CA VAL B 339 -2.52 -5.16 -5.66
C VAL B 339 -2.64 -6.26 -6.71
N HIS B 340 -2.05 -7.43 -6.44
CA HIS B 340 -2.10 -8.51 -7.41
C HIS B 340 -3.53 -9.04 -7.57
N ASN B 341 -4.28 -9.17 -6.48
CA ASN B 341 -5.61 -9.75 -6.58
C ASN B 341 -6.55 -8.83 -7.35
N ILE B 342 -6.42 -7.51 -7.17
CA ILE B 342 -7.20 -6.59 -7.99
C ILE B 342 -6.77 -6.68 -9.45
N ALA B 343 -5.44 -6.71 -9.68
CA ALA B 343 -4.93 -6.90 -11.04
C ALA B 343 -5.53 -8.13 -11.70
N TYR B 344 -5.58 -9.25 -10.97
CA TYR B 344 -6.10 -10.49 -11.55
C TYR B 344 -7.55 -10.31 -11.99
N GLN B 345 -8.38 -9.70 -11.15
CA GLN B 345 -9.79 -9.47 -11.50
C GLN B 345 -9.92 -8.58 -12.73
N LEU B 346 -9.14 -7.49 -12.79
CA LEU B 346 -9.21 -6.59 -13.93
C LEU B 346 -8.70 -7.26 -15.19
N GLN B 347 -7.64 -8.07 -15.08
CA GLN B 347 -7.12 -8.78 -16.26
C GLN B 347 -8.09 -9.85 -16.72
N LEU B 348 -8.77 -10.52 -15.79
CA LEU B 348 -9.75 -11.52 -16.20
C LEU B 348 -10.84 -10.86 -17.07
N LEU B 349 -11.38 -9.74 -16.62
CA LEU B 349 -12.46 -9.11 -17.38
C LEU B 349 -11.95 -8.48 -18.68
N SER B 350 -10.73 -7.90 -18.66
CA SER B 350 -10.13 -7.44 -19.92
C SER B 350 -9.99 -8.58 -20.91
N ALA B 351 -9.51 -9.75 -20.45
CA ALA B 351 -9.40 -10.92 -21.33
C ALA B 351 -10.77 -11.43 -21.77
N VAL B 352 -11.74 -11.45 -20.85
CA VAL B 352 -13.11 -11.78 -21.26
C VAL B 352 -13.58 -10.84 -22.37
N ARG B 353 -13.40 -9.54 -22.17
CA ARG B 353 -13.84 -8.58 -23.19
C ARG B 353 -13.14 -8.79 -24.52
N SER B 354 -11.82 -9.03 -24.49
CA SER B 354 -11.11 -9.23 -25.75
C SER B 354 -11.65 -10.43 -26.51
N SER B 355 -12.12 -11.47 -25.78
CA SER B 355 -12.61 -12.65 -26.47
C SER B 355 -13.94 -12.38 -27.17
N ILE B 356 -14.79 -11.54 -26.57
CA ILE B 356 -16.06 -11.23 -27.21
C ILE B 356 -15.85 -10.36 -28.45
N LEU B 357 -15.00 -9.33 -28.36
CA LEU B 357 -14.68 -8.52 -29.55
C LEU B 357 -14.12 -9.37 -30.67
N GLU B 358 -13.28 -10.35 -30.33
CA GLU B 358 -12.69 -11.24 -31.32
C GLU B 358 -13.59 -12.43 -31.65
N GLN B 359 -14.81 -12.44 -31.14
CA GLN B 359 -15.79 -13.48 -31.45
C GLN B 359 -15.28 -14.87 -31.05
N ARG B 360 -14.53 -14.98 -29.96
CA ARG B 360 -14.04 -16.28 -29.50
C ARG B 360 -14.35 -16.47 -28.01
N PHE B 361 -15.47 -15.94 -27.53
CA PHE B 361 -15.84 -16.12 -26.13
C PHE B 361 -16.06 -17.58 -25.76
N PRO B 362 -16.76 -18.41 -26.56
CA PRO B 362 -16.90 -19.82 -26.17
C PRO B 362 -15.58 -20.52 -25.95
N ASP B 363 -14.59 -20.31 -26.82
CA ASP B 363 -13.28 -20.93 -26.64
C ASP B 363 -12.58 -20.39 -25.40
N PHE B 364 -12.68 -19.07 -25.16
CA PHE B 364 -12.12 -18.53 -23.93
C PHE B 364 -12.70 -19.22 -22.69
N VAL B 365 -14.00 -19.46 -22.69
CA VAL B 365 -14.61 -20.09 -21.51
C VAL B 365 -14.07 -21.51 -21.35
N ARG B 366 -13.94 -22.24 -22.46
CA ARG B 366 -13.42 -23.61 -22.39
C ARG B 366 -11.98 -23.63 -21.90
N ASN B 367 -11.15 -22.70 -22.38
CA ASN B 367 -9.80 -22.58 -21.86
C ASN B 367 -9.81 -22.24 -20.38
N PHE B 368 -10.64 -21.27 -20.00
CA PHE B 368 -10.74 -20.86 -18.61
C PHE B 368 -11.13 -22.05 -17.71
N MET B 369 -12.16 -22.80 -18.11
CA MET B 369 -12.60 -23.93 -17.28
C MET B 369 -11.55 -25.03 -17.25
N ARG B 370 -10.95 -25.35 -18.39
CA ARG B 370 -9.90 -26.34 -18.44
C ARG B 370 -8.75 -25.98 -17.50
N THR B 371 -8.31 -24.72 -17.53
CA THR B 371 -7.21 -24.31 -16.67
C THR B 371 -7.65 -24.32 -15.21
N MET B 372 -8.87 -23.89 -14.94
N MET B 372 -8.87 -23.90 -14.94
CA MET B 372 -9.33 -23.75 -13.56
CA MET B 372 -9.35 -23.75 -13.57
C MET B 372 -9.68 -25.10 -12.94
C MET B 372 -9.71 -25.10 -12.94
N TYR B 373 -10.22 -26.05 -13.72
CA TYR B 373 -10.76 -27.30 -13.16
C TYR B 373 -10.20 -28.57 -13.76
N GLY B 374 -9.99 -28.62 -15.08
CA GLY B 374 -9.56 -29.83 -15.76
C GLY B 374 -10.64 -30.35 -16.71
N ASP B 375 -10.80 -31.67 -16.74
CA ASP B 375 -11.80 -32.31 -17.59
C ASP B 375 -13.19 -31.76 -17.28
N HIS B 376 -14.09 -31.91 -18.25
CA HIS B 376 -15.47 -31.47 -18.08
C HIS B 376 -16.10 -32.05 -16.82
N SER B 377 -15.71 -33.28 -16.45
CA SER B 377 -16.29 -33.94 -15.29
C SER B 377 -15.90 -33.26 -13.99
N LEU B 378 -14.78 -32.56 -13.95
CA LEU B 378 -14.32 -31.91 -12.72
C LEU B 378 -14.82 -30.48 -12.59
N CYS B 379 -15.47 -29.91 -13.61
CA CYS B 379 -16.03 -28.57 -13.51
C CYS B 379 -17.30 -28.58 -12.66
N PRO B 380 -17.62 -27.47 -11.99
CA PRO B 380 -18.84 -27.43 -11.18
C PRO B 380 -20.08 -27.73 -12.01
N ALA B 381 -20.94 -28.60 -11.49
CA ALA B 381 -22.11 -29.04 -12.25
C ALA B 381 -23.01 -27.87 -12.64
N TRP B 382 -23.19 -26.91 -11.74
CA TRP B 382 -24.06 -25.78 -12.04
C TRP B 382 -23.49 -24.95 -13.20
N ALA B 383 -22.17 -24.80 -13.22
CA ALA B 383 -21.57 -23.96 -14.27
C ALA B 383 -21.70 -24.65 -15.62
N VAL B 384 -21.49 -25.96 -15.66
CA VAL B 384 -21.69 -26.74 -16.88
C VAL B 384 -23.11 -26.54 -17.41
N GLU B 385 -24.10 -26.54 -16.51
CA GLU B 385 -25.50 -26.43 -16.93
C GLU B 385 -25.84 -25.01 -17.34
N ALA B 386 -25.42 -24.02 -16.53
CA ALA B 386 -25.61 -22.62 -16.91
C ALA B 386 -24.99 -22.34 -18.28
N LEU B 387 -23.74 -22.79 -18.49
CA LEU B 387 -23.09 -22.53 -19.77
C LEU B 387 -23.77 -23.28 -20.91
N ALA B 388 -24.22 -24.52 -20.65
CA ALA B 388 -24.90 -25.24 -21.71
C ALA B 388 -26.22 -24.57 -22.07
N SER B 389 -26.86 -23.89 -21.11
CA SER B 389 -28.12 -23.22 -21.44
C SER B 389 -27.95 -22.08 -22.43
N VAL B 390 -26.72 -21.62 -22.67
CA VAL B 390 -26.51 -20.55 -23.64
C VAL B 390 -25.57 -21.03 -24.74
N GLY B 391 -25.57 -22.35 -24.98
CA GLY B 391 -24.91 -22.91 -26.13
C GLY B 391 -23.42 -23.11 -26.00
N ILE B 392 -22.84 -22.95 -24.80
CA ILE B 392 -21.42 -23.17 -24.61
C ILE B 392 -21.23 -24.53 -23.96
N MET B 393 -20.72 -25.48 -24.72
CA MET B 393 -20.42 -26.82 -24.25
C MET B 393 -18.93 -26.98 -23.98
N LEU B 394 -18.61 -27.77 -22.97
CA LEU B 394 -17.22 -27.96 -22.56
C LEU B 394 -16.67 -29.29 -23.03
ZN ZN C . 4.90 17.14 0.19
S SO4 D . -12.51 14.15 13.52
O1 SO4 D . -12.89 13.03 14.40
O2 SO4 D . -13.62 15.09 13.44
O3 SO4 D . -12.21 13.71 12.16
O4 SO4 D . -11.33 14.80 14.11
S SO4 E . 33.45 20.67 19.78
O1 SO4 E . 32.64 19.47 19.94
O2 SO4 E . 34.38 20.77 20.91
O3 SO4 E . 32.57 21.84 19.77
O4 SO4 E . 34.18 20.59 18.51
S DMS F . 3.05 -1.10 1.36
O DMS F . 3.70 -0.98 2.70
C1 DMS F . 2.11 0.40 0.94
C2 DMS F . 4.29 -1.05 0.04
C1 QEI G . -27.05 -9.39 -1.03
C2 QEI G . -26.92 -10.71 -0.22
C3 QEI G . -28.54 -9.15 -0.97
C4 QEI G . -28.32 -11.37 -0.25
C5 QEI G . -29.23 -10.20 -0.49
C6 QEI G . -26.94 -8.56 -3.38
C9 QEI G . -27.34 -6.04 -2.78
C10 QEI G . -26.53 -4.98 -2.44
C11 QEI G . -28.78 -5.76 -2.88
O1 QEI G . -26.54 -10.44 1.14
O2 QEI G . -28.66 -11.99 0.98
N1 QEI G . -26.54 -9.55 -2.39
C7 QEI G . -26.51 -7.18 -2.98
C8 QEI G . -25.20 -6.76 -2.74
N2 QEI G . -25.23 -5.43 -2.40
N3 QEI G . -26.88 -3.73 -2.16
C12 QEI G . -28.17 -3.50 -2.23
N5 QEI G . -28.64 -2.25 -1.96
N4 QEI G . -29.11 -4.46 -2.57
O3 QEI G . -29.66 -6.57 -3.17
ZN ZN H . 0.43 -10.12 -10.05
S SO4 I . -21.55 -28.15 -8.13
O1 SO4 I . -22.22 -28.86 -7.05
O2 SO4 I . -22.53 -27.54 -9.02
O3 SO4 I . -20.72 -29.11 -8.87
O4 SO4 I . -20.71 -27.10 -7.56
S SO4 J . 1.73 -26.01 5.54
O1 SO4 J . 0.35 -25.53 5.54
O2 SO4 J . 1.78 -27.35 6.11
O3 SO4 J . 2.26 -26.06 4.17
O4 SO4 J . 2.56 -25.09 6.33
S SO4 K . -29.96 7.37 -27.67
O1 SO4 K . -31.10 7.20 -26.78
O2 SO4 K . -29.57 6.06 -28.22
O3 SO4 K . -30.35 8.27 -28.76
O4 SO4 K . -28.83 7.95 -26.95
S SO4 L . -16.37 -2.25 9.85
O1 SO4 L . -17.39 -2.35 10.90
O2 SO4 L . -15.41 -3.34 9.99
O3 SO4 L . -15.66 -0.98 9.94
O4 SO4 L . -17.03 -2.34 8.55
S SO4 M . -2.02 -24.04 -2.71
O1 SO4 M . -2.85 -24.37 -1.55
O2 SO4 M . -1.18 -25.19 -3.05
O3 SO4 M . -2.88 -23.73 -3.85
O4 SO4 M . -1.18 -22.91 -2.36
#